data_4M8L
#
_entry.id   4M8L
#
_cell.length_a   168.203
_cell.length_b   151.958
_cell.length_c   36.290
_cell.angle_alpha   90.00
_cell.angle_beta   93.98
_cell.angle_gamma   90.00
#
_symmetry.space_group_name_H-M   'C 1 2 1'
#
loop_
_entity.id
_entity.type
_entity.pdbx_description
1 polymer 'Ribose-5-phosphate isomerase A'
2 non-polymer RIBULOSE-5-PHOSPHATE
3 non-polymer FORMAMIDE
4 non-polymer 'CHLORIDE ION'
5 water water
#
_entity_poly.entity_id   1
_entity_poly.type   'polypeptide(L)'
_entity_poly.pdbx_seq_one_letter_code
;MFFNKKNNQDELKKLAATEAAKSITTEITLGVGTGSTVGFLIEELVNYRDKIKTVVSSSEDSTRKLKALGFDVVDLNYAG
EIDLYIDGADECNNHKELIKGGGAALTREKICVAAAKKFICIIDESKKVNTLGNFPLPIEVIPMARSYIARQIVKLGGQP
VYREQTITDNGNVILDVYNLKIDNPLKLETELNQITGVVTNGIFALKPADTVIMATKDSNIVVL
;
_entity_poly.pdbx_strand_id   A,B,C,D
#
# COMPACT_ATOMS: atom_id res chain seq x y z
N LYS A 5 -2.60 -16.70 -19.08
CA LYS A 5 -1.81 -15.46 -18.85
C LYS A 5 -2.66 -14.19 -18.96
N LYS A 6 -3.58 -14.18 -19.92
CA LYS A 6 -4.47 -13.05 -20.13
C LYS A 6 -5.59 -13.01 -19.09
N ASN A 7 -6.04 -14.17 -18.63
CA ASN A 7 -7.03 -14.25 -17.54
C ASN A 7 -6.40 -13.84 -16.21
N ASN A 8 -5.14 -14.20 -16.01
CA ASN A 8 -4.37 -13.77 -14.84
C ASN A 8 -4.22 -12.26 -14.78
N GLN A 9 -3.80 -11.67 -15.91
CA GLN A 9 -3.63 -10.21 -16.00
C GLN A 9 -4.96 -9.49 -15.77
N ASP A 10 -6.04 -10.02 -16.34
CA ASP A 10 -7.38 -9.45 -16.13
C ASP A 10 -7.77 -9.40 -14.66
N GLU A 11 -7.35 -10.40 -13.89
CA GLU A 11 -7.64 -10.46 -12.45
C GLU A 11 -6.93 -9.32 -11.69
N LEU A 12 -5.67 -9.07 -12.05
CA LEU A 12 -4.89 -8.00 -11.44
C LEU A 12 -5.44 -6.63 -11.80
N LYS A 13 -5.87 -6.48 -13.06
CA LYS A 13 -6.51 -5.23 -13.52
C LYS A 13 -7.76 -4.92 -12.70
N LYS A 14 -8.60 -5.95 -12.48
CA LYS A 14 -9.82 -5.80 -11.69
C LYS A 14 -9.52 -5.40 -10.24
N LEU A 15 -8.47 -6.00 -9.68
CA LEU A 15 -8.04 -5.69 -8.32
C LEU A 15 -7.62 -4.22 -8.19
N ALA A 16 -6.80 -3.76 -9.14
CA ALA A 16 -6.31 -2.39 -9.14
C ALA A 16 -7.46 -1.40 -9.28
N ALA A 17 -8.36 -1.67 -10.21
CA ALA A 17 -9.52 -0.82 -10.47
C ALA A 17 -10.45 -0.74 -9.27
N THR A 18 -10.73 -1.90 -8.67
CA THR A 18 -11.58 -1.99 -7.49
C THR A 18 -10.97 -1.19 -6.34
N GLU A 19 -9.67 -1.31 -6.16
CA GLU A 19 -8.97 -0.59 -5.10
C GLU A 19 -9.06 0.93 -5.30
N ALA A 20 -8.86 1.38 -6.53
CA ALA A 20 -8.96 2.81 -6.86
C ALA A 20 -10.35 3.37 -6.56
N ALA A 21 -11.39 2.59 -6.83
CA ALA A 21 -12.77 3.01 -6.60
C ALA A 21 -13.05 3.40 -5.14
N LYS A 22 -12.32 2.79 -4.20
CA LYS A 22 -12.49 3.10 -2.77
C LYS A 22 -12.19 4.57 -2.45
N SER A 23 -11.39 5.22 -3.30
CA SER A 23 -11.07 6.63 -3.15
C SER A 23 -12.25 7.55 -3.47
N ILE A 24 -13.31 7.00 -4.06
CA ILE A 24 -14.56 7.73 -4.25
C ILE A 24 -15.31 7.75 -2.91
N THR A 25 -14.99 8.73 -2.07
CA THR A 25 -15.48 8.80 -0.69
C THR A 25 -16.62 9.80 -0.52
N THR A 26 -16.50 10.96 -1.18
CA THR A 26 -17.48 12.03 -1.06
C THR A 26 -18.22 12.24 -2.38
N GLU A 27 -19.18 13.17 -2.38
CA GLU A 27 -19.85 13.55 -3.61
C GLU A 27 -18.94 14.39 -4.53
N ILE A 28 -18.60 13.81 -5.68
CA ILE A 28 -17.55 14.37 -6.55
C ILE A 28 -17.92 14.41 -8.02
N THR A 29 -17.17 15.21 -8.77
CA THR A 29 -17.13 15.11 -10.23
C THR A 29 -16.04 14.09 -10.53
N LEU A 30 -16.43 12.94 -11.08
CA LEU A 30 -15.49 11.87 -11.41
C LEU A 30 -15.12 11.95 -12.88
N GLY A 31 -13.81 11.85 -13.15
CA GLY A 31 -13.31 11.74 -14.52
C GLY A 31 -12.89 10.31 -14.80
N VAL A 32 -13.31 9.78 -15.95
CA VAL A 32 -13.11 8.36 -16.26
C VAL A 32 -12.18 8.20 -17.46
N GLY A 33 -11.13 7.40 -17.27
CA GLY A 33 -10.15 7.14 -18.31
C GLY A 33 -10.62 6.21 -19.42
N THR A 34 -9.67 5.54 -20.06
CA THR A 34 -9.94 4.65 -21.19
C THR A 34 -9.08 3.39 -21.09
N GLY A 35 -9.56 2.28 -21.66
CA GLY A 35 -8.79 1.03 -21.72
C GLY A 35 -9.42 -0.14 -20.99
N SER A 36 -8.74 -1.28 -21.01
CA SER A 36 -9.26 -2.52 -20.41
C SER A 36 -9.25 -2.46 -18.89
N THR A 37 -8.19 -1.90 -18.31
CA THR A 37 -8.11 -1.76 -16.85
C THR A 37 -9.20 -0.82 -16.34
N VAL A 38 -9.42 0.28 -17.05
CA VAL A 38 -10.53 1.20 -16.75
C VAL A 38 -11.88 0.53 -16.96
N GLY A 39 -11.98 -0.38 -17.91
CA GLY A 39 -13.22 -1.12 -18.16
C GLY A 39 -13.73 -1.82 -16.92
N PHE A 40 -12.81 -2.35 -16.11
CA PHE A 40 -13.18 -2.99 -14.85
C PHE A 40 -13.55 -1.96 -13.78
N LEU A 41 -13.03 -0.74 -13.88
CA LEU A 41 -13.44 0.35 -13.00
C LEU A 41 -14.89 0.77 -13.28
N ILE A 42 -15.19 1.00 -14.56
CA ILE A 42 -16.52 1.39 -15.00
C ILE A 42 -17.58 0.42 -14.47
N GLU A 43 -17.29 -0.88 -14.54
CA GLU A 43 -18.19 -1.90 -13.99
C GLU A 43 -18.37 -1.75 -12.48
N GLU A 44 -17.28 -1.46 -11.79
CA GLU A 44 -17.29 -1.28 -10.34
C GLU A 44 -18.06 -0.02 -9.91
N LEU A 45 -18.16 0.97 -10.80
CA LEU A 45 -18.79 2.25 -10.46
C LEU A 45 -20.29 2.16 -10.09
N VAL A 46 -20.94 1.06 -10.44
CA VAL A 46 -22.34 0.83 -10.04
C VAL A 46 -22.50 0.84 -8.50
N ASN A 47 -21.46 0.41 -7.80
CA ASN A 47 -21.46 0.37 -6.34
C ASN A 47 -21.12 1.70 -5.67
N TYR A 48 -20.89 2.75 -6.47
CA TYR A 48 -20.61 4.10 -5.96
C TYR A 48 -21.52 5.15 -6.63
N ARG A 49 -22.70 4.72 -7.06
CA ARG A 49 -23.60 5.58 -7.84
C ARG A 49 -24.07 6.83 -7.09
N ASP A 50 -24.29 6.71 -5.77
CA ASP A 50 -24.76 7.85 -4.98
C ASP A 50 -23.67 8.88 -4.70
N LYS A 51 -22.40 8.49 -4.83
CA LYS A 51 -21.27 9.39 -4.61
C LYS A 51 -20.92 10.19 -5.86
N ILE A 52 -21.24 9.64 -7.03
CA ILE A 52 -20.84 10.24 -8.30
C ILE A 52 -21.91 11.23 -8.78
N LYS A 53 -21.66 12.52 -8.57
CA LYS A 53 -22.61 13.56 -8.96
C LYS A 53 -22.56 13.83 -10.45
N THR A 54 -21.34 13.96 -10.98
CA THR A 54 -21.11 14.23 -12.39
C THR A 54 -19.98 13.34 -12.93
N VAL A 55 -20.16 12.83 -14.15
CA VAL A 55 -19.13 12.01 -14.80
C VAL A 55 -18.62 12.73 -16.04
N VAL A 56 -17.30 12.74 -16.21
CA VAL A 56 -16.65 13.24 -17.43
C VAL A 56 -15.83 12.09 -18.01
N SER A 57 -15.86 11.96 -19.33
CA SER A 57 -15.24 10.83 -20.01
C SER A 57 -14.15 11.31 -20.95
N SER A 58 -13.04 10.56 -20.96
CA SER A 58 -11.91 10.88 -21.81
C SER A 58 -12.04 10.27 -23.21
N SER A 59 -13.10 9.49 -23.45
CA SER A 59 -13.29 8.86 -24.77
C SER A 59 -14.75 8.49 -25.02
N GLU A 60 -15.12 8.46 -26.30
CA GLU A 60 -16.45 8.01 -26.70
C GLU A 60 -16.65 6.53 -26.35
N ASP A 61 -15.56 5.76 -26.38
CA ASP A 61 -15.60 4.36 -25.96
C ASP A 61 -16.09 4.26 -24.52
N SER A 62 -15.43 4.98 -23.62
CA SER A 62 -15.82 5.00 -22.21
C SER A 62 -17.21 5.63 -21.99
N THR A 63 -17.51 6.68 -22.76
CA THR A 63 -18.83 7.33 -22.72
C THR A 63 -19.94 6.32 -23.03
N ARG A 64 -19.78 5.60 -24.14
CA ARG A 64 -20.66 4.49 -24.54
C ARG A 64 -20.84 3.47 -23.40
N LYS A 65 -19.75 3.10 -22.76
CA LYS A 65 -19.79 2.13 -21.64
C LYS A 65 -20.52 2.71 -20.43
N LEU A 66 -20.22 3.96 -20.09
CA LEU A 66 -20.86 4.64 -18.97
C LEU A 66 -22.38 4.80 -19.19
N LYS A 67 -22.76 5.28 -20.35
CA LYS A 67 -24.19 5.45 -20.70
C LYS A 67 -24.95 4.12 -20.69
N ALA A 68 -24.28 3.04 -21.06
CA ALA A 68 -24.87 1.70 -21.02
C ALA A 68 -25.18 1.23 -19.59
N LEU A 69 -24.46 1.76 -18.61
CA LEU A 69 -24.73 1.46 -17.20
C LEU A 69 -25.60 2.53 -16.53
N GLY A 70 -26.25 3.39 -17.34
CA GLY A 70 -27.19 4.39 -16.84
C GLY A 70 -26.58 5.68 -16.35
N PHE A 71 -25.26 5.84 -16.52
CA PHE A 71 -24.57 7.05 -16.07
C PHE A 71 -24.71 8.14 -17.13
N ASP A 72 -25.17 9.31 -16.69
CA ASP A 72 -25.17 10.50 -17.55
C ASP A 72 -23.75 11.03 -17.64
N VAL A 73 -23.30 11.29 -18.87
CA VAL A 73 -21.96 11.83 -19.09
C VAL A 73 -22.05 13.30 -19.49
N VAL A 74 -21.27 14.13 -18.82
CA VAL A 74 -21.32 15.57 -19.00
C VAL A 74 -20.01 16.06 -19.65
N ASP A 75 -20.15 16.98 -20.61
CA ASP A 75 -19.01 17.58 -21.29
C ASP A 75 -18.14 18.34 -20.29
N LEU A 76 -16.82 18.34 -20.51
CA LEU A 76 -15.88 18.98 -19.59
C LEU A 76 -16.11 20.50 -19.44
N ASN A 77 -16.60 21.14 -20.51
CA ASN A 77 -16.90 22.57 -20.47
C ASN A 77 -18.05 22.95 -19.52
N TYR A 78 -19.01 22.03 -19.33
CA TYR A 78 -20.12 22.25 -18.40
C TYR A 78 -19.83 21.68 -17.02
N ALA A 79 -18.93 20.71 -16.95
CA ALA A 79 -18.55 20.10 -15.67
C ALA A 79 -17.60 21.02 -14.90
N GLY A 80 -16.71 21.68 -15.63
CA GLY A 80 -15.74 22.58 -15.04
C GLY A 80 -14.47 21.86 -14.64
N GLU A 81 -14.33 21.59 -13.35
CA GLU A 81 -13.12 21.01 -12.80
C GLU A 81 -13.41 19.61 -12.28
N ILE A 82 -12.53 18.66 -12.58
CA ILE A 82 -12.69 17.28 -12.12
C ILE A 82 -12.01 17.14 -10.76
N ASP A 83 -12.69 16.51 -9.80
CA ASP A 83 -12.12 16.28 -8.47
C ASP A 83 -11.17 15.10 -8.50
N LEU A 84 -11.58 14.02 -9.16
CA LEU A 84 -10.78 12.81 -9.25
C LEU A 84 -10.85 12.20 -10.66
N TYR A 85 -9.68 11.95 -11.25
CA TYR A 85 -9.59 11.31 -12.55
C TYR A 85 -8.87 9.96 -12.40
N ILE A 86 -9.49 8.89 -12.88
CA ILE A 86 -8.90 7.54 -12.80
C ILE A 86 -8.70 6.99 -14.19
N ASP A 87 -7.49 6.54 -14.47
CA ASP A 87 -7.12 6.08 -15.81
C ASP A 87 -6.00 5.04 -15.74
N GLY A 88 -5.87 4.24 -16.81
CA GLY A 88 -4.78 3.30 -16.94
C GLY A 88 -3.55 3.93 -17.54
N ALA A 89 -2.57 3.10 -17.87
CA ALA A 89 -1.35 3.58 -18.52
C ALA A 89 -0.67 2.42 -19.22
N ASP A 90 0.09 2.72 -20.28
CA ASP A 90 0.83 1.68 -21.00
C ASP A 90 2.17 1.39 -20.32
N GLU A 91 2.78 2.42 -19.74
CA GLU A 91 3.97 2.27 -18.92
C GLU A 91 3.96 3.29 -17.79
N CYS A 92 4.62 2.93 -16.69
CA CYS A 92 4.80 3.81 -15.55
C CYS A 92 6.19 3.56 -14.96
N ASN A 93 7.00 4.61 -14.87
CA ASN A 93 8.37 4.48 -14.35
C ASN A 93 8.43 4.63 -12.82
N ASN A 94 9.58 5.00 -12.28
CA ASN A 94 9.75 5.12 -10.82
C ASN A 94 9.27 6.45 -10.23
N HIS A 95 9.07 7.46 -11.07
N HIS A 95 9.07 7.46 -11.07
CA HIS A 95 8.61 8.78 -10.61
CA HIS A 95 8.60 8.77 -10.61
C HIS A 95 7.17 9.06 -11.04
C HIS A 95 7.17 9.06 -11.04
N LYS A 96 6.38 8.01 -11.24
CA LYS A 96 4.97 8.11 -11.62
C LYS A 96 4.74 8.89 -12.94
N GLU A 97 5.70 8.80 -13.85
CA GLU A 97 5.59 9.38 -15.17
C GLU A 97 5.20 8.28 -16.14
N LEU A 98 4.24 8.57 -17.01
CA LEU A 98 3.55 7.55 -17.78
C LEU A 98 3.78 7.67 -19.28
N ILE A 99 3.68 6.53 -19.97
CA ILE A 99 3.36 6.53 -21.39
C ILE A 99 1.90 6.08 -21.52
N LYS A 100 1.12 6.85 -22.25
CA LYS A 100 -0.29 6.57 -22.48
C LYS A 100 -0.62 6.80 -23.94
N GLY A 101 -1.77 6.30 -24.36
CA GLY A 101 -2.22 6.45 -25.75
C GLY A 101 -2.26 5.16 -26.56
N GLY A 102 -2.02 4.03 -25.90
CA GLY A 102 -2.13 2.71 -26.54
C GLY A 102 -3.51 2.45 -27.11
N GLY A 103 -4.54 3.00 -26.45
CA GLY A 103 -5.92 2.96 -26.95
C GLY A 103 -6.43 4.27 -27.56
N ALA A 104 -5.50 5.10 -28.03
CA ALA A 104 -5.78 6.25 -28.91
C ALA A 104 -6.44 7.48 -28.27
N ALA A 105 -6.82 7.43 -27.00
CA ALA A 105 -7.56 8.55 -26.37
C ALA A 105 -6.66 9.56 -25.66
N LEU A 106 -5.40 9.59 -26.04
CA LEU A 106 -4.38 10.29 -25.26
C LEU A 106 -4.61 11.80 -25.13
N THR A 107 -5.21 12.42 -26.13
CA THR A 107 -5.46 13.86 -26.09
C THR A 107 -6.43 14.24 -24.99
N ARG A 108 -7.62 13.65 -25.03
CA ARG A 108 -8.64 13.95 -24.05
C ARG A 108 -8.24 13.42 -22.66
N GLU A 109 -7.45 12.35 -22.63
CA GLU A 109 -6.92 11.82 -21.38
C GLU A 109 -6.00 12.83 -20.72
N LYS A 110 -5.19 13.51 -21.54
CA LYS A 110 -4.24 14.50 -21.02
C LYS A 110 -4.97 15.78 -20.57
N ILE A 111 -6.00 16.15 -21.31
CA ILE A 111 -6.86 17.28 -20.95
C ILE A 111 -7.56 17.00 -19.61
N CYS A 112 -8.09 15.80 -19.45
CA CYS A 112 -8.74 15.41 -18.19
C CYS A 112 -7.77 15.45 -17.01
N VAL A 113 -6.55 14.98 -17.22
CA VAL A 113 -5.52 15.01 -16.17
C VAL A 113 -5.19 16.45 -15.81
N ALA A 114 -5.12 17.32 -16.82
CA ALA A 114 -4.80 18.73 -16.61
C ALA A 114 -5.87 19.46 -15.79
N ALA A 115 -7.12 19.10 -16.02
CA ALA A 115 -8.26 19.72 -15.32
C ALA A 115 -8.66 18.98 -14.04
N ALA A 116 -7.89 17.98 -13.63
CA ALA A 116 -8.22 17.18 -12.44
C ALA A 116 -7.41 17.62 -11.22
N LYS A 117 -8.08 17.76 -10.08
CA LYS A 117 -7.41 18.03 -8.81
C LYS A 117 -6.44 16.90 -8.47
N LYS A 118 -6.88 15.67 -8.71
CA LYS A 118 -6.08 14.49 -8.40
C LYS A 118 -6.21 13.45 -9.51
N PHE A 119 -5.08 12.85 -9.89
CA PHE A 119 -5.03 11.82 -10.91
C PHE A 119 -4.50 10.52 -10.30
N ILE A 120 -5.33 9.48 -10.30
CA ILE A 120 -4.94 8.14 -9.87
C ILE A 120 -4.78 7.23 -11.08
N CYS A 121 -3.62 6.59 -11.19
CA CYS A 121 -3.32 5.67 -12.29
C CYS A 121 -3.42 4.22 -11.79
N ILE A 122 -4.13 3.38 -12.54
CA ILE A 122 -4.35 1.98 -12.16
C ILE A 122 -3.67 1.05 -13.16
N ILE A 123 -2.74 0.23 -12.66
CA ILE A 123 -1.97 -0.68 -13.51
C ILE A 123 -1.81 -2.03 -12.86
N ASP A 124 -1.47 -3.03 -13.68
CA ASP A 124 -0.93 -4.29 -13.20
C ASP A 124 0.59 -4.22 -13.33
N GLU A 125 1.30 -5.18 -12.76
CA GLU A 125 2.76 -5.14 -12.64
C GLU A 125 3.49 -5.07 -14.00
N SER A 126 2.91 -5.68 -15.03
CA SER A 126 3.54 -5.76 -16.35
C SER A 126 3.86 -4.39 -16.96
N LYS A 127 3.21 -3.34 -16.45
CA LYS A 127 3.38 -1.99 -16.96
C LYS A 127 4.39 -1.17 -16.17
N LYS A 128 4.85 -1.70 -15.04
CA LYS A 128 5.87 -1.03 -14.23
C LYS A 128 7.25 -1.24 -14.86
N VAL A 129 7.98 -0.14 -15.05
CA VAL A 129 9.32 -0.20 -15.62
C VAL A 129 10.24 0.78 -14.90
N ASN A 130 11.53 0.67 -15.15
CA ASN A 130 12.51 1.61 -14.60
C ASN A 130 12.74 2.80 -15.54
N THR A 131 12.60 2.53 -16.85
CA THR A 131 12.83 3.52 -17.89
C THR A 131 11.76 3.38 -18.97
N LEU A 132 11.05 4.47 -19.24
CA LEU A 132 10.03 4.49 -20.28
C LEU A 132 10.68 4.37 -21.65
N GLY A 133 10.01 3.71 -22.60
CA GLY A 133 10.49 3.66 -23.98
C GLY A 133 10.19 2.39 -24.77
N ASN A 134 10.26 1.24 -24.10
CA ASN A 134 10.09 -0.05 -24.78
C ASN A 134 8.73 -0.15 -25.49
N PHE A 135 7.67 0.20 -24.76
CA PHE A 135 6.36 0.37 -25.37
C PHE A 135 6.46 1.60 -26.29
N PRO A 136 6.03 1.47 -27.55
CA PRO A 136 6.20 2.58 -28.49
C PRO A 136 5.36 3.79 -28.10
N LEU A 137 5.95 4.98 -28.19
CA LEU A 137 5.31 6.22 -27.75
C LEU A 137 4.26 6.69 -28.76
N PRO A 138 2.98 6.70 -28.37
CA PRO A 138 1.95 7.27 -29.26
C PRO A 138 2.03 8.79 -29.32
N ILE A 139 1.82 9.33 -30.53
CA ILE A 139 1.79 10.78 -30.73
C ILE A 139 0.63 11.09 -31.67
N GLU A 140 -0.32 11.91 -31.21
CA GLU A 140 -1.47 12.29 -32.03
C GLU A 140 -1.08 13.50 -32.87
N VAL A 141 -1.26 13.38 -34.18
CA VAL A 141 -0.82 14.43 -35.12
C VAL A 141 -1.93 14.83 -36.09
N ILE A 142 -1.86 16.06 -36.56
CA ILE A 142 -2.75 16.56 -37.59
C ILE A 142 -2.42 15.79 -38.87
N PRO A 143 -3.44 15.17 -39.51
CA PRO A 143 -3.21 14.30 -40.67
C PRO A 143 -2.27 14.89 -41.73
N MET A 144 -2.48 16.16 -42.06
CA MET A 144 -1.66 16.87 -43.03
C MET A 144 -0.16 16.91 -42.69
N ALA A 145 0.16 16.87 -41.40
CA ALA A 145 1.55 17.03 -40.94
C ALA A 145 2.26 15.71 -40.69
N ARG A 146 1.60 14.59 -41.03
CA ARG A 146 2.13 13.27 -40.67
C ARG A 146 3.54 13.03 -41.22
N SER A 147 3.73 13.28 -42.51
CA SER A 147 5.02 13.06 -43.16
C SER A 147 6.11 14.00 -42.61
N TYR A 148 5.76 15.26 -42.42
CA TYR A 148 6.69 16.24 -41.85
C TYR A 148 7.14 15.82 -40.45
N ILE A 149 6.19 15.42 -39.62
CA ILE A 149 6.47 15.04 -38.24
C ILE A 149 7.27 13.75 -38.19
N ALA A 150 6.91 12.79 -39.04
CA ALA A 150 7.67 11.54 -39.17
C ALA A 150 9.15 11.84 -39.38
N ARG A 151 9.45 12.77 -40.29
CA ARG A 151 10.82 13.17 -40.56
C ARG A 151 11.51 13.78 -39.35
N GLN A 152 10.80 14.66 -38.62
CA GLN A 152 11.38 15.27 -37.41
C GLN A 152 11.66 14.23 -36.34
N ILE A 153 10.84 13.19 -36.26
CA ILE A 153 11.04 12.10 -35.31
C ILE A 153 12.22 11.21 -35.71
N VAL A 154 12.41 11.02 -37.01
CA VAL A 154 13.60 10.30 -37.51
C VAL A 154 14.90 11.03 -37.11
N LYS A 155 14.89 12.37 -37.17
CA LYS A 155 16.06 13.17 -36.73
C LYS A 155 16.44 12.92 -35.28
N LEU A 156 15.43 12.74 -34.43
CA LEU A 156 15.64 12.50 -33.00
C LEU A 156 16.09 11.06 -32.69
N GLY A 157 16.08 10.20 -33.71
CA GLY A 157 16.48 8.80 -33.54
C GLY A 157 15.32 7.84 -33.38
N GLY A 158 14.10 8.37 -33.37
CA GLY A 158 12.90 7.54 -33.25
C GLY A 158 12.52 6.92 -34.58
N GLN A 159 11.70 5.88 -34.53
CA GLN A 159 11.21 5.21 -35.74
C GLN A 159 9.67 5.22 -35.74
N PRO A 160 9.05 6.19 -36.46
CA PRO A 160 7.59 6.37 -36.39
C PRO A 160 6.83 5.41 -37.28
N VAL A 161 5.80 4.77 -36.74
CA VAL A 161 4.95 3.87 -37.49
C VAL A 161 3.50 4.36 -37.41
N TYR A 162 2.95 4.70 -38.57
CA TYR A 162 1.57 5.14 -38.70
C TYR A 162 0.59 4.03 -38.32
N ARG A 163 -0.25 4.28 -37.33
CA ARG A 163 -1.25 3.31 -36.89
C ARG A 163 -2.41 3.32 -37.88
N GLU A 164 -2.39 2.38 -38.82
CA GLU A 164 -3.39 2.33 -39.89
C GLU A 164 -4.80 2.07 -39.37
N GLN A 165 -5.79 2.56 -40.11
CA GLN A 165 -7.20 2.36 -39.80
C GLN A 165 -7.62 2.92 -38.44
N THR A 166 -6.87 3.89 -37.94
CA THR A 166 -7.19 4.54 -36.68
C THR A 166 -7.38 6.03 -36.91
N ILE A 167 -8.57 6.51 -36.58
CA ILE A 167 -8.86 7.93 -36.55
C ILE A 167 -9.35 8.22 -35.15
N THR A 168 -8.67 9.13 -34.47
CA THR A 168 -9.01 9.47 -33.09
C THR A 168 -10.35 10.20 -33.02
N ASP A 169 -10.91 10.23 -31.81
CA ASP A 169 -12.13 10.99 -31.50
C ASP A 169 -12.10 12.43 -32.03
N ASN A 170 -10.89 13.00 -32.08
CA ASN A 170 -10.69 14.37 -32.53
C ASN A 170 -10.39 14.51 -34.03
N GLY A 171 -10.48 13.41 -34.78
CA GLY A 171 -10.29 13.43 -36.23
C GLY A 171 -8.84 13.34 -36.68
N ASN A 172 -7.94 12.96 -35.77
CA ASN A 172 -6.52 12.92 -36.05
C ASN A 172 -5.99 11.50 -36.18
N VAL A 173 -4.73 11.39 -36.57
CA VAL A 173 -4.06 10.10 -36.69
C VAL A 173 -2.95 9.96 -35.65
N ILE A 174 -2.51 8.71 -35.45
CA ILE A 174 -1.50 8.39 -34.44
C ILE A 174 -0.21 7.87 -35.10
N LEU A 175 0.93 8.37 -34.63
CA LEU A 175 2.23 7.79 -34.92
C LEU A 175 2.73 7.10 -33.66
N ASP A 176 3.06 5.81 -33.77
CA ASP A 176 3.67 5.08 -32.67
C ASP A 176 5.18 5.02 -32.92
N VAL A 177 5.95 5.57 -31.98
CA VAL A 177 7.37 5.82 -32.18
C VAL A 177 8.24 4.83 -31.38
N TYR A 178 9.04 4.06 -32.11
CA TYR A 178 9.94 3.07 -31.51
C TYR A 178 11.35 3.64 -31.33
N ASN A 179 12.14 2.97 -30.50
CA ASN A 179 13.58 3.24 -30.34
C ASN A 179 13.96 4.56 -29.66
N LEU A 180 13.02 5.19 -28.96
CA LEU A 180 13.31 6.44 -28.26
C LEU A 180 14.02 6.18 -26.94
N LYS A 181 15.05 6.98 -26.66
CA LYS A 181 15.71 6.99 -25.34
C LYS A 181 15.00 8.05 -24.53
N ILE A 182 14.20 7.60 -23.56
CA ILE A 182 13.37 8.49 -22.75
C ILE A 182 13.80 8.42 -21.29
N ASP A 183 15.05 8.80 -21.05
CA ASP A 183 15.63 8.87 -19.71
C ASP A 183 15.25 10.19 -19.04
N ASN A 184 14.82 11.16 -19.84
CA ASN A 184 14.33 12.43 -19.33
C ASN A 184 12.94 12.73 -19.91
N PRO A 185 11.90 12.09 -19.36
CA PRO A 185 10.53 12.25 -19.86
C PRO A 185 10.06 13.70 -19.92
N LEU A 186 10.37 14.46 -18.87
CA LEU A 186 10.01 15.88 -18.81
C LEU A 186 10.53 16.66 -20.01
N LYS A 187 11.82 16.46 -20.31
CA LYS A 187 12.50 17.17 -21.37
C LYS A 187 11.93 16.82 -22.74
N LEU A 188 11.72 15.54 -22.99
CA LEU A 188 11.24 15.07 -24.30
C LEU A 188 9.77 15.41 -24.53
N GLU A 189 8.96 15.35 -23.49
CA GLU A 189 7.55 15.77 -23.59
C GLU A 189 7.47 17.24 -24.02
N THR A 190 8.31 18.08 -23.42
CA THR A 190 8.39 19.49 -23.77
C THR A 190 8.83 19.66 -25.22
N GLU A 191 9.90 18.96 -25.59
CA GLU A 191 10.40 18.90 -26.97
C GLU A 191 9.36 18.55 -28.02
N LEU A 192 8.64 17.46 -27.78
CA LEU A 192 7.65 16.97 -28.74
C LEU A 192 6.47 17.92 -28.88
N ASN A 193 6.12 18.61 -27.80
CA ASN A 193 5.06 19.63 -27.84
C ASN A 193 5.38 20.81 -28.76
N GLN A 194 6.68 21.05 -29.02
CA GLN A 194 7.10 22.16 -29.89
C GLN A 194 7.09 21.81 -31.38
N ILE A 195 6.91 20.53 -31.72
CA ILE A 195 6.90 20.11 -33.12
C ILE A 195 5.56 20.45 -33.74
N THR A 196 5.59 21.26 -34.80
CA THR A 196 4.39 21.73 -35.47
C THR A 196 3.56 20.57 -36.02
N GLY A 197 2.26 20.60 -35.77
CA GLY A 197 1.35 19.55 -36.20
C GLY A 197 1.09 18.47 -35.15
N VAL A 198 1.88 18.44 -34.08
CA VAL A 198 1.64 17.49 -32.99
C VAL A 198 0.52 18.05 -32.12
N VAL A 199 -0.52 17.26 -31.92
CA VAL A 199 -1.64 17.64 -31.07
C VAL A 199 -1.26 17.32 -29.63
N THR A 200 -1.00 16.05 -29.38
CA THR A 200 -0.57 15.58 -28.07
C THR A 200 0.43 14.43 -28.23
N ASN A 201 1.38 14.33 -27.32
CA ASN A 201 2.26 13.15 -27.23
C ASN A 201 1.92 12.32 -25.99
N GLY A 202 2.27 11.05 -26.03
CA GLY A 202 1.87 10.11 -24.99
C GLY A 202 2.64 10.12 -23.69
N ILE A 203 3.58 11.05 -23.50
CA ILE A 203 4.31 11.14 -22.24
C ILE A 203 3.50 12.00 -21.25
N PHE A 204 3.18 11.42 -20.09
CA PHE A 204 2.51 12.11 -19.01
C PHE A 204 3.51 12.32 -17.88
N ALA A 205 4.27 13.41 -17.96
CA ALA A 205 5.35 13.65 -16.98
C ALA A 205 5.32 15.07 -16.39
N LEU A 206 5.12 16.08 -17.23
CA LEU A 206 5.01 17.46 -16.75
C LEU A 206 3.94 17.55 -15.66
N LYS A 207 2.83 16.86 -15.88
CA LYS A 207 1.83 16.64 -14.85
C LYS A 207 1.67 15.14 -14.67
N PRO A 208 2.46 14.55 -13.75
CA PRO A 208 2.45 13.10 -13.58
C PRO A 208 1.25 12.63 -12.76
N ALA A 209 1.16 11.33 -12.54
CA ALA A 209 0.14 10.77 -11.67
C ALA A 209 0.43 11.17 -10.21
N ASP A 210 -0.61 11.51 -9.46
CA ASP A 210 -0.48 11.81 -8.04
C ASP A 210 -0.34 10.51 -7.24
N THR A 211 -1.14 9.52 -7.60
CA THR A 211 -1.07 8.18 -6.99
C THR A 211 -1.10 7.13 -8.09
N VAL A 212 -0.30 6.08 -7.93
CA VAL A 212 -0.33 4.93 -8.82
C VAL A 212 -0.63 3.68 -8.01
N ILE A 213 -1.76 3.04 -8.34
CA ILE A 213 -2.16 1.79 -7.70
C ILE A 213 -1.76 0.64 -8.61
N MET A 214 -0.85 -0.20 -8.13
CA MET A 214 -0.30 -1.31 -8.89
C MET A 214 -0.64 -2.65 -8.23
N ALA A 215 -1.27 -3.53 -9.00
CA ALA A 215 -1.53 -4.90 -8.55
C ALA A 215 -0.34 -5.78 -8.90
N THR A 216 0.21 -6.46 -7.89
CA THR A 216 1.39 -7.30 -8.09
C THR A 216 0.98 -8.68 -8.60
N LYS A 217 1.97 -9.48 -8.99
CA LYS A 217 1.74 -10.86 -9.44
C LYS A 217 1.11 -11.74 -8.36
N ASP A 218 1.35 -11.40 -7.09
CA ASP A 218 0.81 -12.16 -5.96
C ASP A 218 -0.55 -11.62 -5.49
N SER A 219 -1.16 -10.76 -6.30
CA SER A 219 -2.47 -10.19 -6.01
C SER A 219 -2.50 -9.29 -4.77
N ASN A 220 -1.39 -8.60 -4.51
CA ASN A 220 -1.36 -7.55 -3.49
C ASN A 220 -1.41 -6.18 -4.15
N ILE A 221 -1.65 -5.16 -3.33
CA ILE A 221 -1.71 -3.78 -3.79
C ILE A 221 -0.46 -3.04 -3.34
N VAL A 222 0.21 -2.40 -4.31
CA VAL A 222 1.31 -1.49 -4.02
C VAL A 222 0.85 -0.09 -4.38
N VAL A 223 0.88 0.81 -3.41
CA VAL A 223 0.56 2.22 -3.64
C VAL A 223 1.88 2.96 -3.80
N LEU A 224 2.19 3.36 -5.03
CA LEU A 224 3.39 4.14 -5.31
C LEU A 224 3.07 5.64 -5.24
N ASN B 8 20.95 -7.29 0.72
CA ASN B 8 19.71 -6.55 0.38
C ASN B 8 18.63 -6.65 1.46
N GLN B 9 18.62 -7.71 2.27
CA GLN B 9 17.55 -7.93 3.25
C GLN B 9 17.49 -6.82 4.30
N ASP B 10 18.66 -6.40 4.80
CA ASP B 10 18.73 -5.30 5.75
C ASP B 10 18.11 -4.00 5.22
N GLU B 11 18.26 -3.77 3.92
CA GLU B 11 17.68 -2.58 3.27
C GLU B 11 16.16 -2.62 3.29
N LEU B 12 15.59 -3.79 3.00
CA LEU B 12 14.14 -3.98 3.00
C LEU B 12 13.57 -3.85 4.41
N LYS B 13 14.29 -4.40 5.40
CA LYS B 13 13.91 -4.28 6.80
C LYS B 13 13.82 -2.81 7.24
N LYS B 14 14.83 -2.02 6.86
CA LYS B 14 14.85 -0.58 7.16
C LYS B 14 13.68 0.16 6.50
N LEU B 15 13.37 -0.21 5.27
CA LEU B 15 12.25 0.38 4.54
C LEU B 15 10.92 0.11 5.26
N ALA B 16 10.71 -1.14 5.66
CA ALA B 16 9.48 -1.54 6.34
C ALA B 16 9.33 -0.83 7.66
N ALA B 17 10.42 -0.77 8.43
CA ALA B 17 10.44 -0.12 9.75
C ALA B 17 10.17 1.37 9.63
N THR B 18 10.85 2.02 8.68
CA THR B 18 10.68 3.45 8.43
C THR B 18 9.24 3.76 8.06
N GLU B 19 8.65 2.91 7.21
CA GLU B 19 7.25 3.10 6.79
C GLU B 19 6.30 2.99 7.98
N ALA B 20 6.51 1.99 8.83
CA ALA B 20 5.68 1.80 10.01
C ALA B 20 5.72 3.01 10.94
N ALA B 21 6.90 3.61 11.09
CA ALA B 21 7.09 4.78 11.97
C ALA B 21 6.18 5.96 11.61
N LYS B 22 5.82 6.09 10.32
CA LYS B 22 4.93 7.16 9.87
C LYS B 22 3.55 7.11 10.54
N SER B 23 3.16 5.93 11.01
CA SER B 23 1.90 5.75 11.73
C SER B 23 1.92 6.39 13.13
N ILE B 24 3.09 6.78 13.61
CA ILE B 24 3.21 7.56 14.85
C ILE B 24 2.84 9.01 14.53
N THR B 25 1.54 9.31 14.59
CA THR B 25 1.01 10.61 14.16
C THR B 25 0.69 11.54 15.34
N THR B 26 0.13 10.97 16.42
CA THR B 26 -0.28 11.74 17.59
C THR B 26 0.58 11.39 18.80
N GLU B 27 0.33 12.07 19.93
CA GLU B 27 0.96 11.72 21.21
C GLU B 27 0.43 10.40 21.76
N ILE B 28 1.28 9.37 21.79
CA ILE B 28 0.84 8.00 22.08
C ILE B 28 1.74 7.27 23.07
N THR B 29 1.21 6.19 23.63
CA THR B 29 2.00 5.18 24.30
C THR B 29 2.43 4.19 23.23
N LEU B 30 3.73 4.15 22.92
CA LEU B 30 4.26 3.26 21.90
C LEU B 30 4.80 1.99 22.54
N GLY B 31 4.43 0.85 21.96
CA GLY B 31 4.99 -0.44 22.33
C GLY B 31 6.01 -0.89 21.30
N VAL B 32 7.17 -1.35 21.76
CA VAL B 32 8.28 -1.67 20.85
C VAL B 32 8.59 -3.15 20.91
N GLY B 33 8.63 -3.78 19.73
CA GLY B 33 8.92 -5.19 19.59
C GLY B 33 10.38 -5.57 19.78
N THR B 34 10.79 -6.69 19.17
CA THR B 34 12.14 -7.23 19.31
C THR B 34 12.63 -7.76 17.96
N GLY B 35 13.94 -7.75 17.75
CA GLY B 35 14.55 -8.32 16.54
C GLY B 35 15.31 -7.33 15.69
N SER B 36 15.87 -7.83 14.58
CA SER B 36 16.69 -7.00 13.69
C SER B 36 15.85 -5.97 12.92
N THR B 37 14.68 -6.37 12.45
CA THR B 37 13.78 -5.46 11.74
C THR B 37 13.33 -4.33 12.67
N VAL B 38 12.99 -4.68 13.90
CA VAL B 38 12.64 -3.70 14.94
C VAL B 38 13.84 -2.81 15.29
N GLY B 39 15.04 -3.37 15.24
CA GLY B 39 16.26 -2.60 15.48
C GLY B 39 16.38 -1.37 14.61
N PHE B 40 15.93 -1.47 13.36
CA PHE B 40 15.91 -0.33 12.44
C PHE B 40 14.77 0.64 12.77
N LEU B 41 13.70 0.14 13.39
CA LEU B 41 12.62 1.03 13.87
C LEU B 41 13.11 1.87 15.04
N ILE B 42 13.72 1.22 16.03
CA ILE B 42 14.27 1.90 17.21
C ILE B 42 15.18 3.06 16.82
N GLU B 43 16.03 2.84 15.81
CA GLU B 43 16.90 3.90 15.30
C GLU B 43 16.09 5.06 14.70
N GLU B 44 15.03 4.71 13.96
CA GLU B 44 14.15 5.69 13.32
C GLU B 44 13.36 6.51 14.34
N LEU B 45 13.14 5.95 15.55
CA LEU B 45 12.30 6.62 16.56
C LEU B 45 12.84 7.97 17.07
N VAL B 46 14.12 8.24 16.85
CA VAL B 46 14.70 9.56 17.19
C VAL B 46 13.97 10.70 16.49
N ASN B 47 13.46 10.44 15.28
CA ASN B 47 12.76 11.43 14.48
C ASN B 47 11.29 11.60 14.86
N TYR B 48 10.83 10.84 15.87
CA TYR B 48 9.45 10.95 16.38
C TYR B 48 9.43 11.13 17.91
N ARG B 49 10.48 11.73 18.46
N ARG B 49 10.48 11.73 18.46
CA ARG B 49 10.65 11.83 19.91
CA ARG B 49 10.65 11.83 19.91
C ARG B 49 9.56 12.65 20.60
C ARG B 49 9.56 12.64 20.61
N ASP B 50 9.07 13.70 19.94
CA ASP B 50 8.04 14.57 20.53
C ASP B 50 6.63 13.92 20.52
N LYS B 51 6.44 12.91 19.66
CA LYS B 51 5.16 12.20 19.59
C LYS B 51 5.06 11.07 20.61
N ILE B 52 6.20 10.53 21.03
CA ILE B 52 6.24 9.35 21.89
C ILE B 52 6.24 9.79 23.35
N LYS B 53 5.07 9.72 23.99
CA LYS B 53 4.93 10.11 25.40
C LYS B 53 5.47 9.06 26.34
N THR B 54 5.11 7.79 26.08
CA THR B 54 5.54 6.66 26.89
C THR B 54 5.96 5.49 26.00
N VAL B 55 7.04 4.81 26.37
CA VAL B 55 7.53 3.64 25.65
C VAL B 55 7.42 2.39 26.52
N VAL B 56 6.91 1.32 25.95
CA VAL B 56 6.88 0.00 26.60
C VAL B 56 7.66 -0.95 25.70
N SER B 57 8.45 -1.82 26.32
CA SER B 57 9.34 -2.71 25.60
C SER B 57 9.00 -4.16 25.86
N SER B 58 9.05 -4.96 24.80
CA SER B 58 8.76 -6.38 24.88
C SER B 58 9.99 -7.21 25.27
N SER B 59 11.15 -6.58 25.41
CA SER B 59 12.38 -7.29 25.77
C SER B 59 13.44 -6.39 26.40
N GLU B 60 14.28 -6.98 27.23
CA GLU B 60 15.40 -6.26 27.83
C GLU B 60 16.40 -5.83 26.75
N ASP B 61 16.49 -6.63 25.68
CA ASP B 61 17.31 -6.28 24.53
C ASP B 61 16.86 -4.94 23.94
N SER B 62 15.58 -4.83 23.62
CA SER B 62 15.01 -3.59 23.11
C SER B 62 15.06 -2.46 24.12
N THR B 63 14.81 -2.78 25.40
CA THR B 63 14.89 -1.79 26.48
C THR B 63 16.29 -1.15 26.55
N ARG B 64 17.32 -2.01 26.55
CA ARG B 64 18.74 -1.60 26.46
C ARG B 64 18.98 -0.66 25.27
N LYS B 65 18.42 -1.02 24.10
CA LYS B 65 18.59 -0.21 22.89
C LYS B 65 17.85 1.13 23.00
N LEU B 66 16.63 1.10 23.53
CA LEU B 66 15.84 2.31 23.73
C LEU B 66 16.49 3.28 24.72
N LYS B 67 16.93 2.75 25.87
CA LYS B 67 17.61 3.57 26.89
C LYS B 67 18.93 4.17 26.38
N ALA B 68 19.62 3.45 25.50
CA ALA B 68 20.85 3.96 24.87
C ALA B 68 20.59 5.17 23.96
N LEU B 69 19.38 5.29 23.43
CA LEU B 69 18.99 6.46 22.63
C LEU B 69 18.24 7.52 23.44
N GLY B 70 18.32 7.43 24.78
CA GLY B 70 17.73 8.42 25.67
C GLY B 70 16.26 8.25 25.98
N PHE B 71 15.65 7.17 25.49
CA PHE B 71 14.24 6.93 25.73
C PHE B 71 14.03 6.29 27.10
N ASP B 72 13.14 6.88 27.90
CA ASP B 72 12.72 6.27 29.16
C ASP B 72 11.74 5.15 28.84
N VAL B 73 11.98 3.98 29.43
CA VAL B 73 11.12 2.82 29.23
C VAL B 73 10.28 2.59 30.48
N VAL B 74 8.97 2.45 30.30
CA VAL B 74 8.04 2.29 31.40
C VAL B 74 7.44 0.89 31.40
N ASP B 75 7.31 0.32 32.60
CA ASP B 75 6.70 -0.99 32.78
C ASP B 75 5.24 -0.98 32.32
N LEU B 76 4.78 -2.09 31.76
CA LEU B 76 3.41 -2.19 31.23
C LEU B 76 2.33 -1.96 32.30
N ASN B 77 2.62 -2.33 33.54
CA ASN B 77 1.68 -2.13 34.65
C ASN B 77 1.43 -0.66 34.99
N TYR B 78 2.43 0.20 34.77
CA TYR B 78 2.28 1.64 35.00
C TYR B 78 1.85 2.38 33.73
N ALA B 79 2.14 1.79 32.57
CA ALA B 79 1.76 2.39 31.29
C ALA B 79 0.28 2.19 31.02
N GLY B 80 -0.23 1.03 31.39
CA GLY B 80 -1.63 0.68 31.19
C GLY B 80 -1.86 0.04 29.84
N GLU B 81 -2.41 0.82 28.92
CA GLU B 81 -2.79 0.32 27.61
C GLU B 81 -1.90 0.92 26.53
N ILE B 82 -1.44 0.09 25.61
CA ILE B 82 -0.60 0.57 24.52
C ILE B 82 -1.49 1.00 23.36
N ASP B 83 -1.21 2.17 22.77
CA ASP B 83 -1.97 2.65 21.62
C ASP B 83 -1.51 1.95 20.34
N LEU B 84 -0.20 1.84 20.17
CA LEU B 84 0.37 1.23 18.98
C LEU B 84 1.57 0.35 19.35
N TYR B 85 1.55 -0.90 18.90
CA TYR B 85 2.65 -1.83 19.10
C TYR B 85 3.23 -2.22 17.75
N ILE B 86 4.54 -2.05 17.58
CA ILE B 86 5.23 -2.40 16.33
C ILE B 86 6.27 -3.48 16.58
N ASP B 87 6.21 -4.55 15.79
CA ASP B 87 7.07 -5.71 16.00
C ASP B 87 7.29 -6.45 14.69
N GLY B 88 8.37 -7.25 14.65
CA GLY B 88 8.65 -8.11 13.52
C GLY B 88 7.92 -9.44 13.63
N ALA B 89 8.28 -10.38 12.75
CA ALA B 89 7.73 -11.73 12.79
C ALA B 89 8.64 -12.67 12.04
N ASP B 90 8.63 -13.95 12.40
CA ASP B 90 9.42 -14.96 11.70
C ASP B 90 8.71 -15.46 10.46
N GLU B 91 7.38 -15.56 10.55
CA GLU B 91 6.53 -15.88 9.40
C GLU B 91 5.21 -15.14 9.51
N CYS B 92 4.61 -14.87 8.35
CA CYS B 92 3.29 -14.25 8.25
C CYS B 92 2.56 -14.87 7.07
N ASN B 93 1.38 -15.43 7.32
CA ASN B 93 0.60 -16.09 6.27
C ASN B 93 -0.32 -15.09 5.53
N ASN B 94 -1.38 -15.59 4.90
CA ASN B 94 -2.31 -14.74 4.13
C ASN B 94 -3.37 -14.02 4.96
N HIS B 95 -3.59 -14.47 6.20
N HIS B 95 -3.59 -14.47 6.20
CA HIS B 95 -4.59 -13.87 7.10
CA HIS B 95 -4.58 -13.86 7.10
C HIS B 95 -3.93 -13.10 8.25
C HIS B 95 -3.93 -13.10 8.25
N LYS B 96 -2.70 -12.62 8.03
CA LYS B 96 -1.95 -11.85 9.03
C LYS B 96 -1.74 -12.58 10.36
N GLU B 97 -1.63 -13.91 10.28
CA GLU B 97 -1.33 -14.75 11.44
C GLU B 97 0.15 -15.07 11.40
N LEU B 98 0.81 -14.95 12.55
CA LEU B 98 2.27 -14.96 12.61
C LEU B 98 2.85 -16.13 13.36
N ILE B 99 4.09 -16.50 13.01
CA ILE B 99 4.97 -17.23 13.92
C ILE B 99 6.02 -16.24 14.42
N LYS B 100 6.18 -16.19 15.73
CA LYS B 100 7.12 -15.28 16.36
C LYS B 100 7.84 -16.03 17.47
N GLY B 101 8.95 -15.46 17.95
CA GLY B 101 9.74 -16.06 19.00
C GLY B 101 11.11 -16.55 18.57
N GLY B 102 11.49 -16.26 17.32
CA GLY B 102 12.85 -16.56 16.83
C GLY B 102 13.94 -15.91 17.66
N GLY B 103 13.66 -14.73 18.20
CA GLY B 103 14.56 -14.04 19.13
C GLY B 103 14.14 -14.10 20.60
N ALA B 104 13.37 -15.14 20.94
CA ALA B 104 13.10 -15.56 22.33
C ALA B 104 12.16 -14.68 23.17
N ALA B 105 11.71 -13.53 22.66
CA ALA B 105 10.91 -12.60 23.46
C ALA B 105 9.40 -12.81 23.31
N LEU B 106 9.01 -14.01 22.90
CA LEU B 106 7.64 -14.25 22.45
C LEU B 106 6.57 -14.04 23.53
N THR B 107 6.90 -14.28 24.79
CA THR B 107 5.93 -14.11 25.87
C THR B 107 5.51 -12.66 26.03
N ARG B 108 6.50 -11.80 26.26
CA ARG B 108 6.22 -10.38 26.46
C ARG B 108 5.73 -9.72 25.18
N GLU B 109 6.15 -10.24 24.02
CA GLU B 109 5.65 -9.79 22.73
C GLU B 109 4.16 -10.06 22.60
N LYS B 110 3.71 -11.22 23.08
CA LYS B 110 2.31 -11.59 23.00
C LYS B 110 1.46 -10.80 24.00
N ILE B 111 2.02 -10.54 25.17
CA ILE B 111 1.38 -9.70 26.18
C ILE B 111 1.20 -8.28 25.64
N CYS B 112 2.25 -7.73 25.01
CA CYS B 112 2.17 -6.40 24.41
C CYS B 112 1.10 -6.30 23.33
N VAL B 113 1.02 -7.34 22.49
CA VAL B 113 -0.01 -7.39 21.44
C VAL B 113 -1.40 -7.44 22.06
N ALA B 114 -1.54 -8.18 23.14
CA ALA B 114 -2.83 -8.33 23.82
C ALA B 114 -3.30 -7.01 24.44
N ALA B 115 -2.37 -6.23 24.95
CA ALA B 115 -2.69 -4.94 25.58
C ALA B 115 -2.64 -3.75 24.62
N ALA B 116 -2.45 -4.01 23.32
CA ALA B 116 -2.34 -2.94 22.33
C ALA B 116 -3.64 -2.72 21.58
N LYS B 117 -4.02 -1.46 21.41
CA LYS B 117 -5.18 -1.11 20.57
C LYS B 117 -4.95 -1.56 19.14
N LYS B 118 -3.74 -1.35 18.64
CA LYS B 118 -3.38 -1.70 17.28
C LYS B 118 -1.99 -2.33 17.23
N PHE B 119 -1.86 -3.39 16.44
CA PHE B 119 -0.58 -4.10 16.26
C PHE B 119 -0.19 -4.05 14.79
N ILE B 120 0.94 -3.39 14.50
CA ILE B 120 1.53 -3.35 13.16
C ILE B 120 2.75 -4.28 13.11
N CYS B 121 2.76 -5.17 12.13
CA CYS B 121 3.87 -6.11 11.95
C CYS B 121 4.71 -5.66 10.76
N ILE B 122 6.03 -5.61 10.94
CA ILE B 122 6.96 -5.16 9.90
C ILE B 122 7.85 -6.31 9.43
N ILE B 123 7.78 -6.63 8.15
CA ILE B 123 8.54 -7.74 7.59
C ILE B 123 9.13 -7.38 6.24
N ASP B 124 10.13 -8.16 5.82
CA ASP B 124 10.56 -8.20 4.43
C ASP B 124 9.90 -9.41 3.78
N GLU B 125 10.00 -9.51 2.45
CA GLU B 125 9.25 -10.52 1.69
C GLU B 125 9.58 -11.97 2.06
N SER B 126 10.81 -12.23 2.49
CA SER B 126 11.27 -13.58 2.81
C SER B 126 10.44 -14.26 3.91
N LYS B 127 9.70 -13.47 4.67
CA LYS B 127 8.90 -13.98 5.78
C LYS B 127 7.44 -14.22 5.40
N LYS B 128 7.05 -13.78 4.20
CA LYS B 128 5.69 -14.00 3.72
C LYS B 128 5.54 -15.43 3.21
N VAL B 129 4.51 -16.12 3.68
CA VAL B 129 4.26 -17.50 3.26
C VAL B 129 2.77 -17.71 3.06
N ASN B 130 2.39 -18.84 2.45
CA ASN B 130 0.99 -19.22 2.32
C ASN B 130 0.51 -20.06 3.51
N THR B 131 1.43 -20.82 4.09
CA THR B 131 1.15 -21.74 5.20
C THR B 131 2.29 -21.68 6.20
N LEU B 132 1.95 -21.37 7.46
CA LEU B 132 2.93 -21.33 8.54
C LEU B 132 3.43 -22.75 8.86
N GLY B 133 4.70 -22.88 9.25
CA GLY B 133 5.22 -24.17 9.70
C GLY B 133 6.69 -24.45 9.40
N ASN B 134 7.16 -24.01 8.24
CA ASN B 134 8.53 -24.30 7.80
C ASN B 134 9.56 -23.78 8.81
N PHE B 135 9.41 -22.52 9.20
CA PHE B 135 10.18 -21.98 10.32
C PHE B 135 9.71 -22.71 11.57
N PRO B 136 10.65 -23.25 12.37
CA PRO B 136 10.24 -24.04 13.54
C PRO B 136 9.53 -23.18 14.58
N LEU B 137 8.44 -23.71 15.13
CA LEU B 137 7.60 -22.97 16.09
C LEU B 137 8.23 -22.89 17.48
N PRO B 138 8.58 -21.67 17.93
CA PRO B 138 9.10 -21.53 19.29
C PRO B 138 7.99 -21.68 20.33
N ILE B 139 8.30 -22.35 21.44
CA ILE B 139 7.37 -22.51 22.55
C ILE B 139 8.15 -22.28 23.85
N GLU B 140 7.73 -21.30 24.64
CA GLU B 140 8.39 -21.01 25.91
C GLU B 140 7.77 -21.89 26.99
N VAL B 141 8.60 -22.64 27.70
CA VAL B 141 8.13 -23.62 28.68
C VAL B 141 8.84 -23.47 30.02
N ILE B 142 8.15 -23.87 31.08
CA ILE B 142 8.73 -23.91 32.41
C ILE B 142 9.80 -24.99 32.40
N PRO B 143 11.04 -24.65 32.83
CA PRO B 143 12.16 -25.59 32.74
C PRO B 143 11.85 -27.01 33.25
N MET B 144 11.19 -27.09 34.40
CA MET B 144 10.79 -28.38 34.99
C MET B 144 9.92 -29.25 34.07
N ALA B 145 9.14 -28.62 33.20
CA ALA B 145 8.17 -29.34 32.35
C ALA B 145 8.71 -29.68 30.96
N ARG B 146 9.98 -29.40 30.71
CA ARG B 146 10.54 -29.50 29.36
C ARG B 146 10.37 -30.91 28.77
N SER B 147 10.77 -31.92 29.54
CA SER B 147 10.69 -33.31 29.08
C SER B 147 9.24 -33.77 28.88
N TYR B 148 8.37 -33.40 29.83
CA TYR B 148 6.95 -33.73 29.72
C TYR B 148 6.33 -33.12 28.46
N ILE B 149 6.61 -31.84 28.22
CA ILE B 149 6.05 -31.13 27.08
C ILE B 149 6.62 -31.65 25.77
N ALA B 150 7.91 -31.94 25.76
CA ALA B 150 8.55 -32.55 24.59
C ALA B 150 7.81 -33.80 24.15
N ARG B 151 7.45 -34.65 25.13
CA ARG B 151 6.68 -35.86 24.85
C ARG B 151 5.29 -35.56 24.28
N GLN B 152 4.58 -34.58 24.85
CA GLN B 152 3.26 -34.20 24.34
C GLN B 152 3.33 -33.66 22.91
N ILE B 153 4.43 -32.98 22.58
CA ILE B 153 4.65 -32.45 21.23
C ILE B 153 4.98 -33.58 20.24
N VAL B 154 5.70 -34.59 20.70
CA VAL B 154 5.95 -35.79 19.87
C VAL B 154 4.63 -36.50 19.51
N LYS B 155 3.68 -36.57 20.46
CA LYS B 155 2.35 -37.15 20.18
C LYS B 155 1.61 -36.44 19.05
N LEU B 156 1.75 -35.11 18.99
CA LEU B 156 1.11 -34.31 17.95
C LEU B 156 1.80 -34.42 16.58
N GLY B 157 2.96 -35.06 16.54
CA GLY B 157 3.72 -35.22 15.29
C GLY B 157 4.85 -34.22 15.15
N GLY B 158 5.01 -33.32 16.12
CA GLY B 158 6.08 -32.33 16.10
C GLY B 158 7.39 -32.93 16.57
N GLN B 159 8.50 -32.27 16.24
CA GLN B 159 9.83 -32.70 16.68
C GLN B 159 10.50 -31.56 17.46
N PRO B 160 10.45 -31.61 18.81
CA PRO B 160 10.93 -30.49 19.61
C PRO B 160 12.44 -30.51 19.81
N VAL B 161 13.08 -29.37 19.61
CA VAL B 161 14.51 -29.22 19.83
C VAL B 161 14.76 -28.10 20.85
N TYR B 162 15.36 -28.47 21.97
CA TYR B 162 15.70 -27.55 23.04
C TYR B 162 16.76 -26.54 22.57
N ARG B 163 16.44 -25.26 22.66
CA ARG B 163 17.38 -24.20 22.26
C ARG B 163 18.39 -24.00 23.37
N GLU B 164 19.57 -24.62 23.21
CA GLU B 164 20.60 -24.60 24.25
C GLU B 164 21.14 -23.20 24.50
N GLN B 165 21.62 -22.99 25.72
CA GLN B 165 22.23 -21.73 26.14
C GLN B 165 21.30 -20.51 26.01
N THR B 166 19.99 -20.76 26.04
CA THR B 166 19.00 -19.69 25.98
C THR B 166 18.13 -19.75 27.22
N ILE B 167 18.14 -18.66 27.98
CA ILE B 167 17.21 -18.47 29.07
C ILE B 167 16.49 -17.16 28.79
N THR B 168 15.15 -17.24 28.70
CA THR B 168 14.34 -16.07 28.37
C THR B 168 14.37 -15.06 29.51
N ASP B 169 13.96 -13.84 29.19
CA ASP B 169 13.80 -12.75 30.17
C ASP B 169 12.99 -13.16 31.41
N ASN B 170 12.07 -14.10 31.22
CA ASN B 170 11.22 -14.60 32.29
C ASN B 170 11.76 -15.84 33.02
N GLY B 171 13.00 -16.24 32.70
CA GLY B 171 13.66 -17.37 33.38
C GLY B 171 13.31 -18.73 32.82
N ASN B 172 12.71 -18.76 31.62
CA ASN B 172 12.25 -20.01 31.03
C ASN B 172 13.13 -20.44 29.87
N VAL B 173 12.84 -21.63 29.35
CA VAL B 173 13.56 -22.18 28.20
C VAL B 173 12.63 -22.29 26.99
N ILE B 174 13.23 -22.43 25.81
CA ILE B 174 12.50 -22.50 24.55
C ILE B 174 12.64 -23.89 23.90
N LEU B 175 11.53 -24.43 23.42
CA LEU B 175 11.52 -25.57 22.52
C LEU B 175 11.15 -25.08 21.12
N ASP B 176 12.02 -25.36 20.14
CA ASP B 176 11.70 -25.05 18.75
C ASP B 176 11.19 -26.33 18.10
N VAL B 177 9.97 -26.29 17.58
CA VAL B 177 9.25 -27.48 17.12
C VAL B 177 9.19 -27.55 15.60
N TYR B 178 9.76 -28.62 15.04
CA TYR B 178 9.77 -28.86 13.61
C TYR B 178 8.63 -29.80 13.21
N ASN B 179 8.34 -29.81 11.91
CA ASN B 179 7.42 -30.78 11.28
C ASN B 179 5.94 -30.63 11.64
N LEU B 180 5.54 -29.47 12.15
CA LEU B 180 4.13 -29.23 12.48
C LEU B 180 3.34 -28.84 11.23
N LYS B 181 2.15 -29.43 11.10
CA LYS B 181 1.17 -29.04 10.07
C LYS B 181 0.30 -27.98 10.71
N ILE B 182 0.49 -26.73 10.29
CA ILE B 182 -0.21 -25.59 10.88
C ILE B 182 -1.10 -24.92 9.84
N ASP B 183 -2.07 -25.68 9.34
CA ASP B 183 -3.05 -25.20 8.37
C ASP B 183 -4.20 -24.50 9.11
N ASN B 184 -4.30 -24.75 10.40
CA ASN B 184 -5.28 -24.09 11.25
C ASN B 184 -4.59 -23.47 12.47
N PRO B 185 -3.95 -22.30 12.28
CA PRO B 185 -3.19 -21.64 13.35
C PRO B 185 -4.02 -21.38 14.60
N LEU B 186 -5.25 -20.92 14.41
CA LEU B 186 -6.17 -20.65 15.52
C LEU B 186 -6.34 -21.87 16.41
N LYS B 187 -6.61 -23.01 15.77
CA LYS B 187 -6.89 -24.25 16.48
C LYS B 187 -5.68 -24.75 17.26
N LEU B 188 -4.51 -24.73 16.62
CA LEU B 188 -3.29 -25.24 17.25
C LEU B 188 -2.77 -24.33 18.35
N GLU B 189 -2.90 -23.01 18.17
CA GLU B 189 -2.54 -22.07 19.22
C GLU B 189 -3.34 -22.33 20.49
N THR B 190 -4.64 -22.57 20.31
CA THR B 190 -5.54 -22.91 21.42
C THR B 190 -5.11 -24.22 22.08
N GLU B 191 -4.88 -25.23 21.25
CA GLU B 191 -4.35 -26.53 21.69
C GLU B 191 -3.09 -26.47 22.54
N LEU B 192 -2.08 -25.75 22.04
CA LEU B 192 -0.80 -25.65 22.72
C LEU B 192 -0.90 -24.90 24.05
N ASN B 193 -1.81 -23.92 24.12
CA ASN B 193 -2.07 -23.20 25.36
C ASN B 193 -2.61 -24.10 26.49
N GLN B 194 -3.23 -25.23 26.14
CA GLN B 194 -3.77 -26.17 27.12
C GLN B 194 -2.74 -27.16 27.68
N ILE B 195 -1.55 -27.21 27.10
CA ILE B 195 -0.51 -28.12 27.57
C ILE B 195 0.17 -27.55 28.83
N THR B 196 0.11 -28.30 29.91
CA THR B 196 0.63 -27.86 31.20
C THR B 196 2.14 -27.60 31.13
N GLY B 197 2.56 -26.47 31.67
CA GLY B 197 3.97 -26.06 31.64
C GLY B 197 4.33 -25.15 30.47
N VAL B 198 3.45 -25.02 29.48
CA VAL B 198 3.68 -24.08 28.39
C VAL B 198 3.33 -22.69 28.87
N VAL B 199 4.28 -21.77 28.76
CA VAL B 199 4.05 -20.39 29.13
C VAL B 199 3.36 -19.69 27.97
N THR B 200 4.04 -19.68 26.82
CA THR B 200 3.52 -19.09 25.59
C THR B 200 4.01 -19.91 24.40
N ASN B 201 3.18 -19.99 23.36
CA ASN B 201 3.61 -20.55 22.06
C ASN B 201 3.73 -19.45 21.01
N GLY B 202 4.52 -19.69 19.98
CA GLY B 202 4.87 -18.68 19.01
C GLY B 202 3.84 -18.36 17.93
N ILE B 203 2.65 -18.96 18.00
CA ILE B 203 1.60 -18.63 17.03
C ILE B 203 0.83 -17.40 17.49
N PHE B 204 0.80 -16.37 16.64
CA PHE B 204 0.02 -15.15 16.90
C PHE B 204 -1.15 -15.14 15.93
N ALA B 205 -2.24 -15.79 16.32
CA ALA B 205 -3.41 -15.93 15.43
C ALA B 205 -4.73 -15.54 16.08
N LEU B 206 -4.95 -16.00 17.32
CA LEU B 206 -6.16 -15.62 18.05
C LEU B 206 -6.32 -14.10 18.08
N LYS B 207 -5.21 -13.41 18.29
CA LYS B 207 -5.14 -11.97 18.11
C LYS B 207 -4.06 -11.67 17.08
N PRO B 208 -4.44 -11.63 15.79
CA PRO B 208 -3.47 -11.45 14.72
C PRO B 208 -3.03 -10.00 14.57
N ALA B 209 -2.14 -9.74 13.62
CA ALA B 209 -1.73 -8.38 13.31
C ALA B 209 -2.90 -7.62 12.66
N ASP B 210 -3.07 -6.36 13.03
CA ASP B 210 -4.08 -5.51 12.42
C ASP B 210 -3.61 -5.02 11.05
N THR B 211 -2.33 -4.65 10.96
CA THR B 211 -1.71 -4.25 9.71
C THR B 211 -0.35 -4.95 9.58
N VAL B 212 -0.03 -5.40 8.37
CA VAL B 212 1.29 -5.95 8.09
C VAL B 212 1.93 -5.13 6.96
N ILE B 213 3.07 -4.51 7.27
CA ILE B 213 3.83 -3.74 6.29
C ILE B 213 4.96 -4.62 5.79
N MET B 214 4.93 -4.93 4.49
CA MET B 214 5.89 -5.83 3.88
C MET B 214 6.68 -5.09 2.80
N ALA B 215 8.00 -5.12 2.91
CA ALA B 215 8.89 -4.59 1.88
C ALA B 215 9.19 -5.68 0.86
N THR B 216 8.91 -5.38 -0.41
CA THR B 216 9.11 -6.35 -1.49
C THR B 216 10.56 -6.36 -1.95
N LYS B 217 10.91 -7.33 -2.79
CA LYS B 217 12.25 -7.43 -3.37
C LYS B 217 12.61 -6.20 -4.21
N ASP B 218 11.60 -5.54 -4.79
CA ASP B 218 11.82 -4.35 -5.61
C ASP B 218 11.79 -3.05 -4.81
N SER B 219 11.84 -3.17 -3.48
CA SER B 219 11.87 -2.02 -2.57
C SER B 219 10.59 -1.19 -2.60
N ASN B 220 9.45 -1.85 -2.83
CA ASN B 220 8.15 -1.21 -2.67
C ASN B 220 7.50 -1.66 -1.36
N ILE B 221 6.45 -0.96 -0.98
CA ILE B 221 5.70 -1.26 0.23
C ILE B 221 4.37 -1.90 -0.13
N VAL B 222 4.10 -3.06 0.46
CA VAL B 222 2.80 -3.70 0.36
C VAL B 222 2.16 -3.65 1.74
N VAL B 223 0.99 -3.04 1.83
CA VAL B 223 0.21 -3.01 3.06
C VAL B 223 -0.85 -4.10 2.98
N LEU B 224 -0.67 -5.17 3.75
CA LEU B 224 -1.68 -6.22 3.85
C LEU B 224 -2.74 -5.81 4.87
N ASN C 8 -8.79 50.82 -52.07
CA ASN C 8 -7.34 51.16 -51.90
C ASN C 8 -6.50 50.01 -51.35
N GLN C 9 -6.95 49.43 -50.23
CA GLN C 9 -6.24 48.33 -49.59
C GLN C 9 -6.14 47.11 -50.53
N ASP C 10 -7.24 46.82 -51.24
CA ASP C 10 -7.26 45.73 -52.22
C ASP C 10 -6.19 45.90 -53.31
N GLU C 11 -5.93 47.15 -53.70
CA GLU C 11 -4.91 47.46 -54.71
C GLU C 11 -3.51 47.12 -54.21
N LEU C 12 -3.23 47.46 -52.95
CA LEU C 12 -1.93 47.18 -52.33
C LEU C 12 -1.73 45.69 -52.15
N LYS C 13 -2.78 44.98 -51.76
CA LYS C 13 -2.75 43.52 -51.62
C LYS C 13 -2.38 42.85 -52.96
N LYS C 14 -3.00 43.31 -54.04
CA LYS C 14 -2.72 42.78 -55.37
C LYS C 14 -1.28 43.04 -55.80
N LEU C 15 -0.77 44.23 -55.47
CA LEU C 15 0.62 44.58 -55.75
C LEU C 15 1.60 43.65 -55.04
N ALA C 16 1.35 43.43 -53.74
CA ALA C 16 2.21 42.57 -52.93
C ALA C 16 2.21 41.14 -53.44
N ALA C 17 1.02 40.64 -53.75
CA ALA C 17 0.85 39.26 -54.24
C ALA C 17 1.53 39.07 -55.59
N THR C 18 1.31 40.03 -56.49
CA THR C 18 1.92 40.00 -57.83
C THR C 18 3.45 40.01 -57.72
N GLU C 19 3.98 40.83 -56.83
CA GLU C 19 5.42 40.90 -56.60
C GLU C 19 5.98 39.57 -56.11
N ALA C 20 5.30 38.96 -55.14
CA ALA C 20 5.73 37.67 -54.59
C ALA C 20 5.78 36.57 -55.67
N ALA C 21 4.81 36.59 -56.58
CA ALA C 21 4.74 35.60 -57.66
C ALA C 21 5.99 35.55 -58.53
N LYS C 22 6.68 36.68 -58.66
CA LYS C 22 7.92 36.75 -59.45
C LYS C 22 9.01 35.83 -58.93
N SER C 23 8.93 35.47 -57.64
CA SER C 23 9.87 34.53 -57.04
C SER C 23 9.67 33.09 -57.52
N ILE C 24 8.56 32.82 -58.20
CA ILE C 24 8.35 31.52 -58.84
C ILE C 24 9.17 31.51 -60.14
N THR C 25 10.44 31.11 -60.02
CA THR C 25 11.40 31.19 -61.13
C THR C 25 11.65 29.84 -61.80
N THR C 26 11.74 28.78 -60.98
CA THR C 26 12.03 27.44 -61.48
C THR C 26 10.83 26.51 -61.28
N GLU C 27 10.97 25.27 -61.73
CA GLU C 27 9.95 24.26 -61.49
C GLU C 27 9.94 23.81 -60.02
N ILE C 28 8.85 24.13 -59.31
CA ILE C 28 8.80 23.97 -57.86
C ILE C 28 7.52 23.32 -57.35
N THR C 29 7.57 22.85 -56.11
CA THR C 29 6.39 22.54 -55.32
C THR C 29 6.01 23.85 -54.64
N LEU C 30 4.87 24.42 -55.01
CA LEU C 30 4.39 25.66 -54.42
C LEU C 30 3.39 25.38 -53.31
N GLY C 31 3.57 26.06 -52.18
CA GLY C 31 2.60 26.02 -51.09
C GLY C 31 1.80 27.32 -51.07
N VAL C 32 0.48 27.20 -50.95
CA VAL C 32 -0.41 28.36 -51.06
C VAL C 32 -1.13 28.63 -49.74
N GLY C 33 -1.03 29.88 -49.28
CA GLY C 33 -1.64 30.30 -48.03
C GLY C 33 -3.14 30.50 -48.09
N THR C 34 -3.67 31.36 -47.22
CA THR C 34 -5.10 31.60 -47.09
C THR C 34 -5.35 33.10 -46.87
N GLY C 35 -6.51 33.58 -47.30
CA GLY C 35 -6.93 34.96 -47.06
C GLY C 35 -7.16 35.77 -48.32
N SER C 36 -7.52 37.05 -48.12
CA SER C 36 -7.83 37.95 -49.24
C SER C 36 -6.58 38.34 -50.03
N THR C 37 -5.48 38.60 -49.34
CA THR C 37 -4.22 38.94 -50.01
C THR C 37 -3.72 37.77 -50.84
N VAL C 38 -3.82 36.56 -50.29
CA VAL C 38 -3.48 35.33 -51.02
C VAL C 38 -4.44 35.10 -52.19
N GLY C 39 -5.70 35.52 -52.03
CA GLY C 39 -6.68 35.42 -53.11
C GLY C 39 -6.22 36.07 -54.40
N PHE C 40 -5.52 37.20 -54.28
CA PHE C 40 -4.97 37.89 -55.43
C PHE C 40 -3.72 37.17 -55.99
N LEU C 41 -3.02 36.43 -55.13
CA LEU C 41 -1.91 35.59 -55.59
C LEU C 41 -2.44 34.43 -56.44
N ILE C 42 -3.44 33.72 -55.92
CA ILE C 42 -4.06 32.59 -56.61
C ILE C 42 -4.48 32.97 -58.04
N GLU C 43 -5.07 34.15 -58.18
CA GLU C 43 -5.46 34.66 -59.50
C GLU C 43 -4.24 34.87 -60.40
N GLU C 44 -3.17 35.41 -59.82
CA GLU C 44 -1.92 35.67 -60.54
C GLU C 44 -1.21 34.38 -60.98
N LEU C 45 -1.46 33.27 -60.27
CA LEU C 45 -0.77 32.00 -60.55
C LEU C 45 -1.04 31.40 -61.94
N VAL C 46 -2.10 31.85 -62.61
CA VAL C 46 -2.36 31.43 -64.01
C VAL C 46 -1.19 31.78 -64.94
N ASN C 47 -0.49 32.87 -64.64
CA ASN C 47 0.65 33.31 -65.44
C ASN C 47 1.97 32.59 -65.11
N TYR C 48 1.93 31.66 -64.16
CA TYR C 48 3.10 30.84 -63.81
C TYR C 48 2.78 29.33 -63.83
N ARG C 49 1.83 28.94 -64.67
CA ARG C 49 1.32 27.56 -64.67
C ARG C 49 2.38 26.52 -65.04
N ASP C 50 3.28 26.87 -65.96
CA ASP C 50 4.33 25.93 -66.40
C ASP C 50 5.44 25.74 -65.36
N LYS C 51 5.56 26.69 -64.43
CA LYS C 51 6.59 26.60 -63.37
C LYS C 51 6.11 25.79 -62.17
N ILE C 52 4.80 25.73 -61.97
CA ILE C 52 4.22 25.10 -60.79
C ILE C 52 3.95 23.62 -61.07
N LYS C 53 4.85 22.76 -60.58
CA LYS C 53 4.73 21.31 -60.78
C LYS C 53 3.69 20.70 -59.85
N THR C 54 3.75 21.08 -58.57
CA THR C 54 2.84 20.58 -57.55
C THR C 54 2.36 21.72 -56.65
N VAL C 55 1.08 21.71 -56.30
CA VAL C 55 0.51 22.72 -55.42
C VAL C 55 0.04 22.06 -54.12
N VAL C 56 0.38 22.69 -52.99
CA VAL C 56 -0.12 22.27 -51.68
C VAL C 56 -0.88 23.46 -51.09
N SER C 57 -2.02 23.18 -50.45
CA SER C 57 -2.90 24.22 -49.95
C SER C 57 -3.03 24.13 -48.44
N SER C 58 -3.03 25.29 -47.79
CA SER C 58 -3.16 25.38 -46.34
C SER C 58 -4.62 25.41 -45.87
N SER C 59 -5.57 25.42 -46.81
CA SER C 59 -6.99 25.45 -46.46
C SER C 59 -7.89 24.93 -47.58
N GLU C 60 -9.04 24.41 -47.20
CA GLU C 60 -10.04 23.96 -48.17
C GLU C 60 -10.57 25.15 -48.97
N ASP C 61 -10.60 26.33 -48.36
CA ASP C 61 -10.98 27.56 -49.06
C ASP C 61 -10.05 27.80 -50.25
N SER C 62 -8.74 27.80 -49.99
CA SER C 62 -7.75 27.99 -51.04
C SER C 62 -7.75 26.83 -52.05
N THR C 63 -7.93 25.61 -51.55
CA THR C 63 -8.01 24.41 -52.41
C THR C 63 -9.14 24.56 -53.42
N ARG C 64 -10.32 24.91 -52.93
CA ARG C 64 -11.45 25.23 -53.80
C ARG C 64 -11.11 26.27 -54.87
N LYS C 65 -10.44 27.34 -54.45
CA LYS C 65 -10.08 28.42 -55.38
C LYS C 65 -9.07 27.93 -56.42
N LEU C 66 -8.09 27.17 -55.97
CA LEU C 66 -7.07 26.61 -56.86
C LEU C 66 -7.69 25.63 -57.87
N LYS C 67 -8.52 24.71 -57.40
CA LYS C 67 -9.20 23.75 -58.28
C LYS C 67 -10.11 24.42 -59.29
N ALA C 68 -10.71 25.55 -58.92
CA ALA C 68 -11.55 26.33 -59.83
C ALA C 68 -10.76 26.94 -60.99
N LEU C 69 -9.47 27.17 -60.78
CA LEU C 69 -8.58 27.66 -61.85
C LEU C 69 -7.82 26.54 -62.55
N GLY C 70 -8.26 25.30 -62.36
CA GLY C 70 -7.68 24.13 -63.04
C GLY C 70 -6.44 23.55 -62.42
N PHE C 71 -6.04 24.06 -61.25
CA PHE C 71 -4.85 23.56 -60.56
C PHE C 71 -5.19 22.31 -59.76
N ASP C 72 -4.42 21.25 -59.98
CA ASP C 72 -4.51 20.05 -59.16
C ASP C 72 -3.84 20.33 -57.83
N VAL C 73 -4.52 20.00 -56.73
CA VAL C 73 -3.98 20.20 -55.39
C VAL C 73 -3.60 18.85 -54.80
N VAL C 74 -2.38 18.77 -54.28
CA VAL C 74 -1.83 17.52 -53.75
C VAL C 74 -1.67 17.63 -52.24
N ASP C 75 -2.03 16.56 -51.53
CA ASP C 75 -1.87 16.48 -50.09
C ASP C 75 -0.40 16.58 -49.69
N LEU C 76 -0.11 17.21 -48.55
CA LEU C 76 1.26 17.44 -48.11
C LEU C 76 2.05 16.14 -47.89
N ASN C 77 1.34 15.08 -47.50
CA ASN C 77 1.96 13.77 -47.29
C ASN C 77 2.51 13.12 -48.57
N TYR C 78 1.88 13.42 -49.71
CA TYR C 78 2.31 12.92 -51.02
C TYR C 78 3.24 13.92 -51.73
N ALA C 79 3.15 15.20 -51.37
CA ALA C 79 4.01 16.23 -51.93
C ALA C 79 5.40 16.21 -51.32
N GLY C 80 5.46 15.93 -50.01
CA GLY C 80 6.72 15.88 -49.28
C GLY C 80 7.12 17.23 -48.74
N GLU C 81 8.07 17.87 -49.41
CA GLU C 81 8.64 19.12 -48.94
C GLU C 81 8.27 20.25 -49.89
N ILE C 82 7.86 21.38 -49.34
CA ILE C 82 7.49 22.54 -50.15
C ILE C 82 8.73 23.40 -50.39
N ASP C 83 8.94 23.83 -51.64
CA ASP C 83 10.08 24.68 -51.97
C ASP C 83 9.79 26.13 -51.57
N LEU C 84 8.59 26.60 -51.88
CA LEU C 84 8.19 27.96 -51.59
C LEU C 84 6.75 28.02 -51.08
N TYR C 85 6.55 28.66 -49.93
CA TYR C 85 5.22 28.86 -49.36
C TYR C 85 4.93 30.35 -49.30
N ILE C 86 3.80 30.78 -49.87
CA ILE C 86 3.39 32.18 -49.86
C ILE C 86 2.07 32.34 -49.13
N ASP C 87 2.03 33.26 -48.19
CA ASP C 87 0.86 33.43 -47.32
C ASP C 87 0.78 34.87 -46.80
N GLY C 88 -0.41 35.27 -46.38
CA GLY C 88 -0.60 36.57 -45.75
C GLY C 88 -0.34 36.52 -44.26
N ALA C 89 -0.69 37.59 -43.57
CA ALA C 89 -0.56 37.65 -42.11
C ALA C 89 -1.45 38.74 -41.55
N ASP C 90 -1.88 38.58 -40.30
CA ASP C 90 -2.72 39.59 -39.64
C ASP C 90 -1.86 40.72 -39.06
N GLU C 91 -0.68 40.37 -38.58
CA GLU C 91 0.32 41.34 -38.12
C GLU C 91 1.73 40.83 -38.43
N CYS C 92 2.64 41.78 -38.61
CA CYS C 92 4.06 41.49 -38.82
C CYS C 92 4.87 42.57 -38.13
N ASN C 93 5.76 42.17 -37.22
CA ASN C 93 6.57 43.13 -36.48
C ASN C 93 7.87 43.49 -37.21
N ASN C 94 8.89 43.96 -36.49
CA ASN C 94 10.17 44.36 -37.10
C ASN C 94 11.13 43.22 -37.39
N HIS C 95 10.91 42.05 -36.78
N HIS C 95 10.91 42.06 -36.78
CA HIS C 95 11.77 40.89 -36.98
CA HIS C 95 11.77 40.89 -36.98
C HIS C 95 11.09 39.77 -37.77
C HIS C 95 11.08 39.78 -37.77
N LYS C 96 10.13 40.17 -38.61
CA LYS C 96 9.38 39.24 -39.47
C LYS C 96 8.66 38.12 -38.71
N GLU C 97 8.22 38.43 -37.49
CA GLU C 97 7.44 37.52 -36.68
C GLU C 97 5.98 37.93 -36.82
N LEU C 98 5.10 36.95 -37.01
CA LEU C 98 3.73 37.21 -37.44
C LEU C 98 2.69 36.79 -36.42
N ILE C 99 1.54 37.45 -36.47
CA ILE C 99 0.29 36.88 -35.96
C ILE C 99 -0.53 36.45 -37.16
N LYS C 100 -1.00 35.22 -37.13
CA LYS C 100 -1.82 34.66 -38.21
C LYS C 100 -2.97 33.89 -37.59
N GLY C 101 -3.98 33.56 -38.41
CA GLY C 101 -5.14 32.81 -37.95
C GLY C 101 -6.43 33.59 -37.93
N GLY C 102 -6.41 34.82 -38.44
CA GLY C 102 -7.62 35.63 -38.59
C GLY C 102 -8.68 34.96 -39.45
N GLY C 103 -8.25 34.18 -40.44
CA GLY C 103 -9.15 33.36 -41.26
C GLY C 103 -9.15 31.87 -40.92
N ALA C 104 -8.78 31.55 -39.68
CA ALA C 104 -8.99 30.22 -39.07
C ALA C 104 -8.09 29.06 -39.56
N ALA C 105 -7.26 29.28 -40.57
CA ALA C 105 -6.45 28.19 -41.17
C ALA C 105 -5.07 28.06 -40.54
N LEU C 106 -4.91 28.56 -39.31
CA LEU C 106 -3.59 28.75 -38.73
C LEU C 106 -2.80 27.45 -38.50
N THR C 107 -3.49 26.35 -38.24
CA THR C 107 -2.82 25.08 -38.00
C THR C 107 -2.10 24.59 -39.26
N ARG C 108 -2.84 24.44 -40.34
CA ARG C 108 -2.27 23.98 -41.59
C ARG C 108 -1.32 24.99 -42.21
N GLU C 109 -1.55 26.27 -41.95
CA GLU C 109 -0.63 27.33 -42.36
C GLU C 109 0.72 27.18 -41.67
N LYS C 110 0.70 26.81 -40.39
CA LYS C 110 1.93 26.65 -39.63
C LYS C 110 2.67 25.38 -40.04
N ILE C 111 1.91 24.32 -40.34
CA ILE C 111 2.47 23.08 -40.85
C ILE C 111 3.15 23.31 -42.20
N CYS C 112 2.49 24.05 -43.09
CA CYS C 112 3.08 24.39 -44.39
C CYS C 112 4.36 25.19 -44.26
N VAL C 113 4.38 26.15 -43.34
CA VAL C 113 5.58 26.95 -43.08
C VAL C 113 6.71 26.06 -42.55
N ALA C 114 6.37 25.12 -41.68
CA ALA C 114 7.34 24.21 -41.10
C ALA C 114 7.98 23.30 -42.14
N ALA C 115 7.19 22.87 -43.13
CA ALA C 115 7.67 21.98 -44.20
C ALA C 115 8.19 22.72 -45.43
N ALA C 116 8.26 24.05 -45.36
CA ALA C 116 8.71 24.85 -46.51
C ALA C 116 10.17 25.25 -46.39
N LYS C 117 10.92 25.12 -47.49
CA LYS C 117 12.30 25.62 -47.54
C LYS C 117 12.33 27.13 -47.33
N LYS C 118 11.38 27.83 -47.94
CA LYS C 118 11.31 29.28 -47.85
C LYS C 118 9.86 29.75 -47.69
N PHE C 119 9.67 30.70 -46.78
CA PHE C 119 8.34 31.27 -46.52
C PHE C 119 8.37 32.77 -46.83
N ILE C 120 7.56 33.18 -47.82
CA ILE C 120 7.38 34.58 -48.16
C ILE C 120 6.02 35.05 -47.65
N CYS C 121 6.01 36.14 -46.89
CA CYS C 121 4.78 36.72 -46.37
C CYS C 121 4.41 37.97 -47.17
N ILE C 122 3.15 38.06 -47.59
CA ILE C 122 2.67 39.20 -48.39
C ILE C 122 1.65 40.02 -47.62
N ILE C 123 1.95 41.30 -47.41
CA ILE C 123 1.09 42.19 -46.64
C ILE C 123 0.97 43.55 -47.29
N ASP C 124 -0.06 44.29 -46.89
CA ASP C 124 -0.11 45.73 -47.12
C ASP C 124 0.34 46.42 -45.83
N GLU C 125 0.55 47.72 -45.89
CA GLU C 125 1.16 48.47 -44.78
C GLU C 125 0.37 48.42 -43.47
N SER C 126 -0.96 48.31 -43.56
CA SER C 126 -1.83 48.31 -42.37
C SER C 126 -1.52 47.21 -41.37
N LYS C 127 -0.80 46.18 -41.83
CA LYS C 127 -0.48 45.03 -40.99
C LYS C 127 0.92 45.11 -40.37
N LYS C 128 1.70 46.10 -40.78
CA LYS C 128 3.02 46.32 -40.21
C LYS C 128 2.89 47.01 -38.85
N VAL C 129 3.56 46.45 -37.84
CA VAL C 129 3.54 47.03 -36.50
C VAL C 129 4.92 46.94 -35.88
N ASN C 130 5.11 47.63 -34.76
CA ASN C 130 6.36 47.53 -34.00
C ASN C 130 6.29 46.42 -32.94
N THR C 131 5.09 46.18 -32.42
CA THR C 131 4.85 45.21 -31.37
C THR C 131 3.55 44.46 -31.67
N LEU C 132 3.63 43.13 -31.74
CA LEU C 132 2.46 42.29 -31.97
C LEU C 132 1.56 42.32 -30.74
N GLY C 133 0.24 42.24 -30.96
CA GLY C 133 -0.70 42.13 -29.84
C GLY C 133 -2.06 42.79 -30.03
N ASN C 134 -2.10 43.93 -30.71
CA ASN C 134 -3.35 44.70 -30.88
C ASN C 134 -4.43 43.86 -31.58
N PHE C 135 -4.05 43.24 -32.69
CA PHE C 135 -4.91 42.25 -33.33
C PHE C 135 -4.97 41.05 -32.39
N PRO C 136 -6.19 40.58 -32.06
CA PRO C 136 -6.30 39.51 -31.06
C PRO C 136 -5.67 38.21 -31.56
N LEU C 137 -4.93 37.53 -30.68
CA LEU C 137 -4.19 36.32 -31.05
C LEU C 137 -5.11 35.11 -31.17
N PRO C 138 -5.24 34.54 -32.37
CA PRO C 138 -6.02 33.31 -32.52
C PRO C 138 -5.28 32.11 -31.93
N ILE C 139 -6.03 31.23 -31.28
CA ILE C 139 -5.48 29.98 -30.74
C ILE C 139 -6.47 28.86 -31.04
N GLU C 140 -6.03 27.83 -31.77
CA GLU C 140 -6.88 26.69 -32.11
C GLU C 140 -6.79 25.68 -30.97
N VAL C 141 -7.94 25.31 -30.42
CA VAL C 141 -7.99 24.42 -29.26
C VAL C 141 -8.94 23.25 -29.47
N ILE C 142 -8.66 22.15 -28.77
CA ILE C 142 -9.53 21.00 -28.76
C ILE C 142 -10.83 21.41 -28.05
N PRO C 143 -12.00 21.18 -28.68
CA PRO C 143 -13.27 21.68 -28.14
C PRO C 143 -13.47 21.37 -26.66
N MET C 144 -13.16 20.14 -26.26
CA MET C 144 -13.28 19.71 -24.86
C MET C 144 -12.47 20.55 -23.86
N ALA C 145 -11.36 21.13 -24.32
CA ALA C 145 -10.45 21.87 -23.43
C ALA C 145 -10.69 23.38 -23.42
N ARG C 146 -11.74 23.84 -24.10
CA ARG C 146 -11.93 25.28 -24.30
C ARG C 146 -12.00 26.07 -22.99
N SER C 147 -12.84 25.60 -22.06
CA SER C 147 -13.01 26.27 -20.78
C SER C 147 -11.73 26.24 -19.93
N TYR C 148 -11.06 25.08 -19.91
CA TYR C 148 -9.80 24.94 -19.18
C TYR C 148 -8.75 25.91 -19.72
N ILE C 149 -8.62 25.97 -21.04
CA ILE C 149 -7.61 26.82 -21.69
C ILE C 149 -7.94 28.30 -21.50
N ALA C 150 -9.23 28.64 -21.62
CA ALA C 150 -9.69 30.00 -21.36
C ALA C 150 -9.21 30.48 -19.98
N ARG C 151 -9.34 29.63 -18.97
CA ARG C 151 -8.88 29.95 -17.62
C ARG C 151 -7.36 30.14 -17.55
N GLN C 152 -6.60 29.28 -18.22
CA GLN C 152 -5.14 29.42 -18.24
C GLN C 152 -4.70 30.71 -18.94
N ILE C 153 -5.46 31.14 -19.94
CA ILE C 153 -5.18 32.39 -20.63
C ILE C 153 -5.53 33.61 -19.77
N VAL C 154 -6.58 33.50 -18.97
CA VAL C 154 -6.91 34.55 -18.00
C VAL C 154 -5.77 34.75 -16.98
N LYS C 155 -5.15 33.65 -16.53
CA LYS C 155 -4.00 33.73 -15.61
C LYS C 155 -2.84 34.54 -16.18
N LEU C 156 -2.61 34.40 -17.49
CA LEU C 156 -1.54 35.12 -18.18
C LEU C 156 -1.86 36.59 -18.44
N GLY C 157 -3.10 37.00 -18.17
CA GLY C 157 -3.53 38.39 -18.38
C GLY C 157 -4.29 38.60 -19.68
N GLY C 158 -4.44 37.54 -20.47
CA GLY C 158 -5.20 37.62 -21.71
C GLY C 158 -6.69 37.54 -21.48
N GLN C 159 -7.47 37.98 -22.47
CA GLN C 159 -8.92 37.91 -22.41
C GLN C 159 -9.45 37.10 -23.59
N PRO C 160 -9.76 35.80 -23.39
CA PRO C 160 -10.12 34.94 -24.50
C PRO C 160 -11.59 35.07 -24.91
N VAL C 161 -11.84 35.20 -26.21
CA VAL C 161 -13.19 35.26 -26.75
C VAL C 161 -13.38 34.14 -27.76
N TYR C 162 -14.33 33.24 -27.46
CA TYR C 162 -14.67 32.12 -28.33
C TYR C 162 -15.28 32.63 -29.64
N ARG C 163 -14.67 32.26 -30.76
CA ARG C 163 -15.18 32.64 -32.07
C ARG C 163 -16.35 31.73 -32.44
N GLU C 164 -17.56 32.21 -32.19
CA GLU C 164 -18.76 31.40 -32.40
C GLU C 164 -18.97 31.05 -33.86
N GLN C 165 -19.66 29.94 -34.09
CA GLN C 165 -20.02 29.48 -35.43
C GLN C 165 -18.80 29.21 -36.32
N THR C 166 -17.66 28.95 -35.70
CA THR C 166 -16.45 28.63 -36.43
C THR C 166 -15.96 27.25 -35.99
N ILE C 167 -15.89 26.34 -36.95
CA ILE C 167 -15.24 25.06 -36.74
C ILE C 167 -14.15 24.97 -37.81
N THR C 168 -12.91 24.80 -37.37
CA THR C 168 -11.78 24.75 -38.27
C THR C 168 -11.82 23.50 -39.15
N ASP C 169 -11.05 23.54 -40.24
CA ASP C 169 -10.86 22.40 -41.14
C ASP C 169 -10.52 21.09 -40.39
N ASN C 170 -9.86 21.24 -39.24
CA ASN C 170 -9.44 20.10 -38.41
C ASN C 170 -10.43 19.70 -37.31
N GLY C 171 -11.61 20.33 -37.31
CA GLY C 171 -12.67 19.99 -36.35
C GLY C 171 -12.56 20.69 -35.00
N ASN C 172 -11.74 21.71 -34.92
CA ASN C 172 -11.47 22.41 -33.66
C ASN C 172 -12.11 23.79 -33.62
N VAL C 173 -12.03 24.42 -32.46
CA VAL C 173 -12.56 25.78 -32.26
C VAL C 173 -11.43 26.76 -32.00
N ILE C 174 -11.74 28.05 -32.16
CA ILE C 174 -10.76 29.13 -32.02
C ILE C 174 -11.09 30.02 -30.81
N LEU C 175 -10.07 30.34 -30.04
CA LEU C 175 -10.13 31.41 -29.04
C LEU C 175 -9.32 32.59 -29.55
N ASP C 176 -9.94 33.76 -29.65
CA ASP C 176 -9.23 34.99 -29.98
C ASP C 176 -8.92 35.74 -28.70
N VAL C 177 -7.63 35.96 -28.44
CA VAL C 177 -7.16 36.45 -27.14
C VAL C 177 -6.74 37.92 -27.22
N TYR C 178 -7.41 38.76 -26.43
CA TYR C 178 -7.11 40.19 -26.35
C TYR C 178 -6.19 40.50 -25.18
N ASN C 179 -5.57 41.69 -25.23
CA ASN C 179 -4.81 42.27 -24.11
C ASN C 179 -3.49 41.58 -23.77
N LEU C 180 -2.96 40.78 -24.70
CA LEU C 180 -1.68 40.12 -24.46
C LEU C 180 -0.51 41.08 -24.73
N LYS C 181 0.47 41.02 -23.83
CA LYS C 181 1.70 41.75 -23.98
C LYS C 181 2.65 40.78 -24.65
N ILE C 182 2.91 41.01 -25.94
N ILE C 182 2.93 41.02 -25.92
CA ILE C 182 3.71 40.09 -26.77
CA ILE C 182 3.69 40.08 -26.73
C ILE C 182 4.98 40.79 -27.25
C ILE C 182 4.97 40.78 -27.25
N ASP C 183 5.81 41.18 -26.29
CA ASP C 183 7.09 41.83 -26.56
C ASP C 183 8.16 40.76 -26.79
N ASN C 184 7.86 39.53 -26.39
CA ASN C 184 8.74 38.40 -26.65
C ASN C 184 7.96 37.26 -27.33
N PRO C 185 7.70 37.40 -28.65
CA PRO C 185 6.91 36.41 -29.40
C PRO C 185 7.42 34.99 -29.28
N LEU C 186 8.74 34.83 -29.37
CA LEU C 186 9.38 33.52 -29.26
C LEU C 186 9.02 32.82 -27.95
N LYS C 187 9.13 33.56 -26.85
CA LYS C 187 8.88 33.03 -25.51
C LYS C 187 7.42 32.62 -25.33
N LEU C 188 6.50 33.49 -25.74
CA LEU C 188 5.08 33.24 -25.55
C LEU C 188 4.54 32.14 -26.46
N GLU C 189 5.06 32.07 -27.69
CA GLU C 189 4.69 30.98 -28.60
C GLU C 189 5.05 29.63 -27.98
N THR C 190 6.24 29.56 -27.38
CA THR C 190 6.70 28.35 -26.71
C THR C 190 5.79 28.03 -25.53
N GLU C 191 5.55 29.04 -24.71
CA GLU C 191 4.65 28.92 -23.57
C GLU C 191 3.24 28.42 -23.91
N LEU C 192 2.62 28.99 -24.94
CA LEU C 192 1.27 28.59 -25.34
C LEU C 192 1.21 27.17 -25.89
N ASN C 193 2.29 26.74 -26.55
CA ASN C 193 2.40 25.36 -27.04
C ASN C 193 2.38 24.32 -25.90
N GLN C 194 2.76 24.72 -24.69
CA GLN C 194 2.77 23.81 -23.53
C GLN C 194 1.43 23.67 -22.83
N ILE C 195 0.45 24.50 -23.18
CA ILE C 195 -0.86 24.44 -22.56
C ILE C 195 -1.67 23.28 -23.15
N THR C 196 -2.09 22.36 -22.29
CA THR C 196 -2.79 21.15 -22.72
C THR C 196 -4.10 21.48 -23.42
N GLY C 197 -4.32 20.85 -24.57
CA GLY C 197 -5.51 21.11 -25.39
C GLY C 197 -5.31 22.14 -26.51
N VAL C 198 -4.22 22.89 -26.47
CA VAL C 198 -3.92 23.84 -27.56
C VAL C 198 -3.33 23.06 -28.74
N VAL C 199 -3.94 23.22 -29.90
CA VAL C 199 -3.47 22.58 -31.11
C VAL C 199 -2.36 23.44 -31.70
N THR C 200 -2.72 24.68 -32.03
CA THR C 200 -1.77 25.65 -32.57
C THR C 200 -2.13 27.03 -32.03
N ASN C 201 -1.12 27.88 -31.84
CA ASN C 201 -1.35 29.29 -31.57
C ASN C 201 -0.92 30.15 -32.77
N GLY C 202 -1.46 31.35 -32.86
CA GLY C 202 -1.26 32.20 -34.04
C GLY C 202 0.05 32.95 -34.15
N ILE C 203 0.99 32.74 -33.23
CA ILE C 203 2.29 33.41 -33.32
C ILE C 203 3.23 32.59 -34.21
N PHE C 204 3.73 33.23 -35.27
CA PHE C 204 4.70 32.62 -36.17
C PHE C 204 6.05 33.29 -35.93
N ALA C 205 6.79 32.80 -34.95
CA ALA C 205 8.07 33.43 -34.56
C ALA C 205 9.23 32.45 -34.46
N LEU C 206 9.02 31.29 -33.85
CA LEU C 206 10.05 30.26 -33.77
C LEU C 206 10.58 29.94 -35.16
N LYS C 207 9.67 29.85 -36.12
CA LYS C 207 10.03 29.81 -37.54
C LYS C 207 9.36 30.99 -38.22
N PRO C 208 10.06 32.14 -38.29
CA PRO C 208 9.48 33.35 -38.84
C PRO C 208 9.48 33.35 -40.36
N ALA C 209 8.97 34.41 -40.96
CA ALA C 209 9.03 34.57 -42.41
C ALA C 209 10.46 34.83 -42.83
N ASP C 210 10.88 34.22 -43.94
CA ASP C 210 12.20 34.45 -44.51
C ASP C 210 12.24 35.79 -45.24
N THR C 211 11.18 36.09 -45.97
CA THR C 211 11.02 37.36 -46.66
C THR C 211 9.60 37.89 -46.42
N VAL C 212 9.49 39.20 -46.21
CA VAL C 212 8.18 39.85 -46.11
C VAL C 212 8.09 40.93 -47.19
N ILE C 213 7.12 40.78 -48.09
CA ILE C 213 6.88 41.76 -49.13
C ILE C 213 5.71 42.64 -48.68
N MET C 214 5.99 43.93 -48.50
CA MET C 214 5.00 44.88 -48.00
C MET C 214 4.75 45.97 -49.05
N ALA C 215 3.48 46.15 -49.40
CA ALA C 215 3.06 47.23 -50.28
C ALA C 215 2.75 48.46 -49.43
N THR C 216 3.40 49.58 -49.75
CA THR C 216 3.24 50.83 -48.98
C THR C 216 2.00 51.58 -49.46
N LYS C 217 1.62 52.63 -48.72
CA LYS C 217 0.50 53.49 -49.09
C LYS C 217 0.70 54.18 -50.44
N ASP C 218 1.96 54.41 -50.81
CA ASP C 218 2.29 55.05 -52.08
C ASP C 218 2.48 54.06 -53.23
N SER C 219 2.05 52.81 -53.02
CA SER C 219 2.11 51.75 -54.03
C SER C 219 3.54 51.36 -54.43
N ASN C 220 4.47 51.47 -53.49
CA ASN C 220 5.81 50.91 -53.68
C ASN C 220 5.96 49.60 -52.94
N ILE C 221 7.04 48.88 -53.25
CA ILE C 221 7.34 47.61 -52.63
C ILE C 221 8.49 47.79 -51.65
N VAL C 222 8.28 47.34 -50.41
CA VAL C 222 9.34 47.26 -49.42
C VAL C 222 9.60 45.78 -49.14
N VAL C 223 10.83 45.34 -49.37
CA VAL C 223 11.25 43.98 -49.04
C VAL C 223 11.97 44.02 -47.70
N LEU C 224 11.32 43.48 -46.67
CA LEU C 224 11.95 43.34 -45.36
C LEU C 224 12.79 42.06 -45.32
N ASN D 7 -5.57 -28.59 66.20
CA ASN D 7 -5.07 -29.94 66.57
C ASN D 7 -5.96 -31.06 66.05
N ASN D 8 -7.28 -30.84 66.09
CA ASN D 8 -8.26 -31.77 65.52
C ASN D 8 -8.06 -31.97 64.01
N GLN D 9 -7.96 -30.86 63.28
CA GLN D 9 -7.74 -30.89 61.84
C GLN D 9 -6.42 -31.58 61.49
N ASP D 10 -5.37 -31.28 62.25
CA ASP D 10 -4.05 -31.92 62.06
C ASP D 10 -4.13 -33.45 62.17
N GLU D 11 -5.00 -33.94 63.06
CA GLU D 11 -5.19 -35.38 63.24
C GLU D 11 -5.81 -36.03 62.00
N LEU D 12 -6.80 -35.36 61.42
CA LEU D 12 -7.47 -35.84 60.21
C LEU D 12 -6.52 -35.82 59.02
N LYS D 13 -5.71 -34.77 58.92
CA LYS D 13 -4.69 -34.66 57.87
C LYS D 13 -3.70 -35.84 57.93
N LYS D 14 -3.24 -36.16 59.14
CA LYS D 14 -2.31 -37.28 59.34
C LYS D 14 -2.95 -38.62 58.94
N LEU D 15 -4.24 -38.78 59.28
CA LEU D 15 -4.98 -39.99 58.92
C LEU D 15 -5.07 -40.15 57.40
N ALA D 16 -5.42 -39.07 56.71
CA ALA D 16 -5.55 -39.10 55.25
C ALA D 16 -4.22 -39.41 54.58
N ALA D 17 -3.16 -38.76 55.05
CA ALA D 17 -1.81 -38.94 54.51
C ALA D 17 -1.31 -40.36 54.72
N THR D 18 -1.50 -40.88 55.94
CA THR D 18 -1.10 -42.23 56.29
C THR D 18 -1.83 -43.25 55.42
N GLU D 19 -3.12 -43.03 55.20
CA GLU D 19 -3.92 -43.91 54.37
C GLU D 19 -3.41 -43.93 52.92
N ALA D 20 -3.11 -42.75 52.38
CA ALA D 20 -2.59 -42.63 51.01
C ALA D 20 -1.28 -43.38 50.82
N ALA D 21 -0.42 -43.33 51.84
CA ALA D 21 0.88 -44.00 51.80
C ALA D 21 0.79 -45.51 51.55
N LYS D 22 -0.31 -46.12 51.99
CA LYS D 22 -0.52 -47.57 51.79
C LYS D 22 -0.57 -47.96 50.31
N SER D 23 -0.89 -46.99 49.44
CA SER D 23 -0.90 -47.21 47.99
C SER D 23 0.51 -47.37 47.40
N ILE D 24 1.55 -47.04 48.18
CA ILE D 24 2.93 -47.29 47.78
C ILE D 24 3.21 -48.78 48.00
N THR D 25 2.89 -49.59 46.99
CA THR D 25 2.93 -51.04 47.10
C THR D 25 4.16 -51.65 46.43
N THR D 26 4.53 -51.12 45.26
CA THR D 26 5.65 -51.64 44.48
C THR D 26 6.79 -50.62 44.42
N GLU D 27 7.90 -51.00 43.77
CA GLU D 27 9.02 -50.09 43.50
C GLU D 27 8.61 -49.03 42.47
N ILE D 28 8.49 -47.77 42.90
CA ILE D 28 7.94 -46.71 42.05
C ILE D 28 8.74 -45.41 42.06
N THR D 29 8.47 -44.58 41.06
CA THR D 29 8.86 -43.17 41.10
C THR D 29 7.70 -42.46 41.80
N LEU D 30 7.97 -41.92 42.99
CA LEU D 30 6.95 -41.21 43.76
C LEU D 30 7.07 -39.70 43.52
N GLY D 31 5.93 -39.06 43.28
CA GLY D 31 5.85 -37.61 43.21
C GLY D 31 5.23 -37.06 44.47
N VAL D 32 5.84 -36.02 45.05
CA VAL D 32 5.41 -35.49 46.34
C VAL D 32 4.89 -34.07 46.20
N GLY D 33 3.67 -33.84 46.72
CA GLY D 33 3.02 -32.55 46.65
C GLY D 33 3.57 -31.53 47.63
N THR D 34 2.73 -30.57 48.01
CA THR D 34 3.11 -29.46 48.88
C THR D 34 1.99 -29.17 49.89
N GLY D 35 2.35 -28.65 51.06
CA GLY D 35 1.37 -28.24 52.07
C GLY D 35 1.48 -28.98 53.40
N SER D 36 0.60 -28.62 54.33
CA SER D 36 0.60 -29.20 55.68
C SER D 36 0.14 -30.66 55.68
N THR D 37 -0.88 -30.96 54.90
CA THR D 37 -1.38 -32.35 54.79
C THR D 37 -0.31 -33.25 54.18
N VAL D 38 0.38 -32.76 53.15
CA VAL D 38 1.51 -33.47 52.55
C VAL D 38 2.66 -33.61 53.54
N GLY D 39 2.83 -32.60 54.40
CA GLY D 39 3.87 -32.65 55.44
C GLY D 39 3.81 -33.90 56.30
N PHE D 40 2.59 -34.35 56.60
CA PHE D 40 2.39 -35.57 57.36
C PHE D 40 2.65 -36.82 56.51
N LEU D 41 2.48 -36.71 55.20
CA LEU D 41 2.85 -37.79 54.28
C LEU D 41 4.36 -37.98 54.25
N ILE D 42 5.08 -36.88 54.05
CA ILE D 42 6.54 -36.89 54.01
C ILE D 42 7.13 -37.59 55.23
N GLU D 43 6.58 -37.30 56.41
CA GLU D 43 7.00 -37.96 57.65
C GLU D 43 6.74 -39.47 57.59
N GLU D 44 5.58 -39.84 57.07
CA GLU D 44 5.19 -41.25 56.94
C GLU D 44 6.05 -42.02 55.94
N LEU D 45 6.65 -41.32 54.98
CA LEU D 45 7.44 -41.98 53.91
C LEU D 45 8.68 -42.74 54.41
N VAL D 46 9.14 -42.46 55.62
CA VAL D 46 10.26 -43.23 56.21
C VAL D 46 9.93 -44.74 56.30
N ASN D 47 8.66 -45.06 56.49
CA ASN D 47 8.20 -46.45 56.59
C ASN D 47 8.00 -47.15 55.24
N TYR D 48 8.26 -46.43 54.14
CA TYR D 48 8.17 -47.00 52.78
C TYR D 48 9.46 -46.74 51.97
N ARG D 49 10.59 -46.63 52.68
CA ARG D 49 11.85 -46.23 52.04
C ARG D 49 12.35 -47.22 50.98
N ASP D 50 12.11 -48.52 51.21
CA ASP D 50 12.55 -49.57 50.29
C ASP D 50 11.71 -49.64 48.99
N LYS D 51 10.49 -49.09 49.05
CA LYS D 51 9.60 -49.06 47.89
C LYS D 51 9.84 -47.86 46.98
N ILE D 52 10.37 -46.78 47.55
CA ILE D 52 10.54 -45.52 46.83
C ILE D 52 11.91 -45.49 46.14
N LYS D 53 11.92 -45.76 44.83
CA LYS D 53 13.15 -45.79 44.05
C LYS D 53 13.63 -44.38 43.72
N THR D 54 12.70 -43.54 43.26
CA THR D 54 13.02 -42.14 42.92
C THR D 54 11.91 -41.21 43.44
N VAL D 55 12.32 -40.04 43.95
CA VAL D 55 11.38 -39.04 44.45
C VAL D 55 11.46 -37.79 43.58
N VAL D 56 10.29 -37.26 43.23
CA VAL D 56 10.21 -35.98 42.55
C VAL D 56 9.34 -35.05 43.40
N SER D 57 9.73 -33.79 43.48
CA SER D 57 9.08 -32.82 44.36
C SER D 57 8.48 -31.67 43.57
N SER D 58 7.29 -31.23 43.99
CA SER D 58 6.58 -30.11 43.35
C SER D 58 6.97 -28.75 43.92
N SER D 59 7.84 -28.74 44.93
CA SER D 59 8.28 -27.48 45.53
C SER D 59 9.61 -27.63 46.27
N GLU D 60 10.33 -26.51 46.36
CA GLU D 60 11.58 -26.47 47.12
C GLU D 60 11.31 -26.69 48.61
N ASP D 61 10.14 -26.27 49.07
CA ASP D 61 9.71 -26.52 50.44
C ASP D 61 9.70 -28.02 50.73
N SER D 62 8.99 -28.78 49.89
CA SER D 62 8.93 -30.23 50.04
C SER D 62 10.29 -30.90 49.79
N THR D 63 11.05 -30.39 48.83
CA THR D 63 12.40 -30.88 48.56
C THR D 63 13.28 -30.79 49.79
N ARG D 64 13.30 -29.62 50.39
CA ARG D 64 13.96 -29.42 51.68
C ARG D 64 13.55 -30.44 52.73
N LYS D 65 12.25 -30.66 52.86
CA LYS D 65 11.74 -31.60 53.86
C LYS D 65 12.17 -33.02 53.55
N LEU D 66 12.09 -33.39 52.27
CA LEU D 66 12.50 -34.72 51.83
C LEU D 66 14.00 -34.97 52.06
N LYS D 67 14.83 -34.01 51.65
CA LYS D 67 16.28 -34.11 51.84
C LYS D 67 16.67 -34.18 53.32
N ALA D 68 15.90 -33.52 54.18
CA ALA D 68 16.13 -33.57 55.63
C ALA D 68 15.88 -34.96 56.22
N LEU D 69 15.04 -35.76 55.56
CA LEU D 69 14.80 -37.15 55.96
C LEU D 69 15.67 -38.15 55.18
N GLY D 70 16.70 -37.65 54.51
CA GLY D 70 17.65 -38.50 53.80
C GLY D 70 17.17 -39.00 52.44
N PHE D 71 16.07 -38.46 51.92
CA PHE D 71 15.60 -38.81 50.58
C PHE D 71 16.33 -37.98 49.53
N ASP D 72 16.91 -38.65 48.53
CA ASP D 72 17.47 -37.97 47.36
C ASP D 72 16.30 -37.55 46.45
N VAL D 73 16.30 -36.28 46.04
CA VAL D 73 15.24 -35.74 45.18
C VAL D 73 15.80 -35.57 43.78
N VAL D 74 15.07 -36.08 42.79
CA VAL D 74 15.50 -36.07 41.39
C VAL D 74 14.61 -35.14 40.59
N ASP D 75 15.24 -34.36 39.70
CA ASP D 75 14.53 -33.46 38.80
C ASP D 75 13.60 -34.24 37.87
N LEU D 76 12.44 -33.66 37.54
CA LEU D 76 11.45 -34.33 36.70
C LEU D 76 11.97 -34.69 35.30
N ASN D 77 12.89 -33.88 34.78
CA ASN D 77 13.50 -34.14 33.47
C ASN D 77 14.35 -35.41 33.42
N TYR D 78 14.96 -35.77 34.55
CA TYR D 78 15.79 -36.98 34.67
C TYR D 78 14.96 -38.17 35.18
N ALA D 79 13.87 -37.88 35.89
CA ALA D 79 12.98 -38.92 36.41
C ALA D 79 12.08 -39.49 35.31
N GLY D 80 11.65 -38.61 34.42
CA GLY D 80 10.78 -38.99 33.30
C GLY D 80 9.31 -38.93 33.67
N GLU D 81 8.72 -40.09 33.93
CA GLU D 81 7.28 -40.18 34.25
C GLU D 81 7.10 -40.64 35.70
N ILE D 82 6.16 -40.00 36.39
CA ILE D 82 5.86 -40.34 37.78
C ILE D 82 4.78 -41.42 37.79
N ASP D 83 4.97 -42.45 38.60
CA ASP D 83 3.99 -43.52 38.74
C ASP D 83 2.83 -43.08 39.63
N LEU D 84 3.17 -42.46 40.76
CA LEU D 84 2.16 -42.00 41.71
C LEU D 84 2.52 -40.63 42.26
N TYR D 85 1.57 -39.70 42.19
CA TYR D 85 1.72 -38.36 42.75
C TYR D 85 0.70 -38.15 43.85
N ILE D 86 1.17 -37.75 45.03
CA ILE D 86 0.28 -37.50 46.17
C ILE D 86 0.39 -36.04 46.59
N ASP D 87 -0.75 -35.38 46.72
CA ASP D 87 -0.78 -33.94 47.01
C ASP D 87 -2.08 -33.57 47.72
N GLY D 88 -2.06 -32.43 48.40
CA GLY D 88 -3.25 -31.88 49.03
C GLY D 88 -4.06 -31.02 48.06
N ALA D 89 -5.04 -30.32 48.59
CA ALA D 89 -5.86 -29.41 47.79
C ALA D 89 -6.53 -28.40 48.69
N ASP D 90 -6.84 -27.22 48.15
CA ASP D 90 -7.55 -26.19 48.91
C ASP D 90 -9.06 -26.44 48.90
N GLU D 91 -9.57 -26.96 47.78
CA GLU D 91 -10.96 -27.38 47.66
C GLU D 91 -11.06 -28.60 46.74
N CYS D 92 -12.09 -29.41 46.97
CA CYS D 92 -12.40 -30.57 46.13
C CYS D 92 -13.92 -30.71 46.06
N ASN D 93 -14.46 -30.71 44.84
CA ASN D 93 -15.91 -30.81 44.64
C ASN D 93 -16.40 -32.28 44.58
N ASN D 94 -17.55 -32.52 43.96
CA ASN D 94 -18.12 -33.87 43.88
C ASN D 94 -17.54 -34.76 42.77
N HIS D 95 -16.87 -34.14 41.79
CA HIS D 95 -16.28 -34.87 40.67
C HIS D 95 -14.75 -34.88 40.72
N LYS D 96 -14.20 -34.78 41.92
CA LYS D 96 -12.75 -34.81 42.15
C LYS D 96 -11.97 -33.73 41.40
N GLU D 97 -12.62 -32.59 41.21
CA GLU D 97 -11.98 -31.43 40.58
C GLU D 97 -11.57 -30.48 41.70
N LEU D 98 -10.35 -29.96 41.61
CA LEU D 98 -9.72 -29.27 42.73
C LEU D 98 -9.44 -27.80 42.48
N ILE D 99 -9.40 -27.03 43.56
CA ILE D 99 -8.68 -25.75 43.56
C ILE D 99 -7.41 -25.97 44.35
N LYS D 100 -6.29 -25.57 43.76
CA LYS D 100 -4.98 -25.69 44.39
C LYS D 100 -4.19 -24.41 44.15
N GLY D 101 -3.09 -24.24 44.89
CA GLY D 101 -2.25 -23.04 44.75
C GLY D 101 -2.28 -22.11 45.95
N GLY D 102 -2.94 -22.51 47.02
CA GLY D 102 -2.95 -21.75 48.27
C GLY D 102 -1.56 -21.52 48.84
N GLY D 103 -0.68 -22.50 48.65
CA GLY D 103 0.72 -22.38 49.02
C GLY D 103 1.46 -22.00 47.75
N ALA D 104 2.78 -22.16 47.71
CA ALA D 104 3.53 -21.46 46.68
C ALA D 104 3.48 -22.06 45.28
N ALA D 105 2.89 -23.25 45.14
CA ALA D 105 3.42 -24.25 44.21
C ALA D 105 2.55 -24.77 43.03
N LEU D 106 1.52 -24.05 42.61
CA LEU D 106 0.49 -24.59 41.70
C LEU D 106 1.01 -24.98 40.31
N THR D 107 2.00 -24.26 39.80
CA THR D 107 2.53 -24.55 38.46
C THR D 107 3.21 -25.92 38.45
N ARG D 108 4.17 -26.11 39.34
CA ARG D 108 4.90 -27.39 39.41
C ARG D 108 4.02 -28.54 39.90
N GLU D 109 3.04 -28.23 40.74
CA GLU D 109 2.04 -29.21 41.16
C GLU D 109 1.22 -29.71 39.98
N LYS D 110 0.87 -28.80 39.07
CA LYS D 110 0.06 -29.16 37.89
C LYS D 110 0.90 -29.95 36.89
N ILE D 111 2.17 -29.57 36.75
CA ILE D 111 3.12 -30.29 35.90
C ILE D 111 3.31 -31.72 36.41
N CYS D 112 3.49 -31.87 37.72
CA CYS D 112 3.61 -33.21 38.33
C CYS D 112 2.38 -34.07 38.09
N VAL D 113 1.18 -33.48 38.24
CA VAL D 113 -0.07 -34.19 37.97
C VAL D 113 -0.17 -34.61 36.52
N ALA D 114 0.27 -33.73 35.62
CA ALA D 114 0.23 -34.00 34.18
C ALA D 114 1.16 -35.16 33.79
N ALA D 115 2.31 -35.24 34.45
CA ALA D 115 3.30 -36.29 34.17
C ALA D 115 3.12 -37.56 35.03
N ALA D 116 2.05 -37.61 35.82
CA ALA D 116 1.81 -38.75 36.72
C ALA D 116 0.81 -39.73 36.13
N LYS D 117 1.11 -41.02 36.21
CA LYS D 117 0.15 -42.06 35.83
C LYS D 117 -1.11 -41.96 36.69
N LYS D 118 -0.92 -41.73 37.98
CA LYS D 118 -2.03 -41.68 38.93
C LYS D 118 -1.81 -40.54 39.93
N PHE D 119 -2.88 -39.80 40.21
CA PHE D 119 -2.85 -38.68 41.15
C PHE D 119 -3.84 -38.96 42.29
N ILE D 120 -3.31 -39.08 43.51
CA ILE D 120 -4.13 -39.23 44.71
C ILE D 120 -4.12 -37.92 45.48
N CYS D 121 -5.31 -37.42 45.81
CA CYS D 121 -5.45 -36.19 46.57
C CYS D 121 -5.84 -36.51 48.02
N ILE D 122 -5.16 -35.90 48.98
CA ILE D 122 -5.41 -36.16 50.41
C ILE D 122 -5.94 -34.89 51.09
N ILE D 123 -7.14 -35.01 51.65
CA ILE D 123 -7.79 -33.87 52.30
C ILE D 123 -8.47 -34.29 53.60
N ASP D 124 -8.76 -33.29 54.43
CA ASP D 124 -9.70 -33.45 55.53
C ASP D 124 -11.04 -32.89 55.06
N GLU D 125 -12.09 -33.12 55.84
CA GLU D 125 -13.47 -32.82 55.42
C GLU D 125 -13.71 -31.33 55.12
N SER D 126 -13.00 -30.44 55.81
CA SER D 126 -13.19 -28.99 55.65
C SER D 126 -12.96 -28.48 54.22
N LYS D 127 -12.29 -29.28 53.40
CA LYS D 127 -11.98 -28.90 52.04
C LYS D 127 -12.96 -29.47 51.01
N LYS D 128 -13.86 -30.34 51.46
CA LYS D 128 -14.89 -30.91 50.61
C LYS D 128 -16.00 -29.89 50.41
N VAL D 129 -16.37 -29.67 49.16
CA VAL D 129 -17.42 -28.70 48.82
C VAL D 129 -18.29 -29.25 47.69
N ASN D 130 -19.46 -28.67 47.47
CA ASN D 130 -20.33 -29.06 46.35
C ASN D 130 -19.99 -28.26 45.09
N THR D 131 -19.55 -27.02 45.29
CA THR D 131 -19.23 -26.09 44.23
C THR D 131 -17.94 -25.36 44.59
N LEU D 132 -16.95 -25.44 43.71
CA LEU D 132 -15.68 -24.73 43.89
C LEU D 132 -15.90 -23.23 43.74
N GLY D 133 -15.15 -22.43 44.49
CA GLY D 133 -15.21 -20.97 44.33
C GLY D 133 -14.99 -20.14 45.58
N ASN D 134 -15.49 -20.60 46.73
CA ASN D 134 -15.42 -19.82 47.97
C ASN D 134 -13.98 -19.51 48.36
N PHE D 135 -13.13 -20.52 48.34
CA PHE D 135 -11.69 -20.32 48.46
C PHE D 135 -11.24 -19.59 47.20
N PRO D 136 -10.50 -18.46 47.34
CA PRO D 136 -10.15 -17.68 46.17
C PRO D 136 -9.21 -18.45 45.22
N LEU D 137 -9.48 -18.35 43.92
CA LEU D 137 -8.73 -19.11 42.91
C LEU D 137 -7.35 -18.48 42.65
N PRO D 138 -6.26 -19.20 42.99
CA PRO D 138 -4.94 -18.70 42.65
C PRO D 138 -4.66 -18.80 41.15
N ILE D 139 -4.00 -17.79 40.60
CA ILE D 139 -3.59 -17.78 39.19
C ILE D 139 -2.17 -17.22 39.11
N GLU D 140 -1.25 -18.03 38.59
CA GLU D 140 0.15 -17.60 38.44
C GLU D 140 0.30 -16.86 37.11
N VAL D 141 0.80 -15.63 37.17
CA VAL D 141 0.88 -14.77 35.99
C VAL D 141 2.27 -14.18 35.79
N ILE D 142 2.60 -13.88 34.54
CA ILE D 142 3.85 -13.20 34.20
C ILE D 142 3.75 -11.79 34.77
N PRO D 143 4.76 -11.36 35.54
CA PRO D 143 4.67 -10.07 36.26
C PRO D 143 4.23 -8.91 35.36
N MET D 144 4.80 -8.84 34.16
CA MET D 144 4.48 -7.78 33.20
C MET D 144 3.00 -7.71 32.83
N ALA D 145 2.30 -8.84 32.88
CA ALA D 145 0.91 -8.94 32.44
C ALA D 145 -0.11 -8.79 33.57
N ARG D 146 0.35 -8.50 34.78
CA ARG D 146 -0.52 -8.54 35.97
C ARG D 146 -1.74 -7.61 35.84
N SER D 147 -1.49 -6.36 35.46
CA SER D 147 -2.56 -5.37 35.33
C SER D 147 -3.52 -5.73 34.20
N TYR D 148 -2.97 -6.17 33.06
CA TYR D 148 -3.80 -6.59 31.94
C TYR D 148 -4.71 -7.75 32.33
N ILE D 149 -4.14 -8.76 32.99
CA ILE D 149 -4.89 -9.94 33.38
C ILE D 149 -5.93 -9.62 34.45
N ALA D 150 -5.56 -8.77 35.40
CA ALA D 150 -6.50 -8.30 36.41
C ALA D 150 -7.76 -7.73 35.76
N ARG D 151 -7.58 -6.91 34.72
CA ARG D 151 -8.69 -6.33 33.97
C ARG D 151 -9.55 -7.40 33.29
N GLN D 152 -8.90 -8.39 32.67
CA GLN D 152 -9.64 -9.48 32.02
C GLN D 152 -10.45 -10.30 33.02
N ILE D 153 -9.92 -10.45 34.23
CA ILE D 153 -10.61 -11.16 35.30
C ILE D 153 -11.80 -10.35 35.83
N VAL D 154 -11.66 -9.03 35.90
CA VAL D 154 -12.78 -8.17 36.26
C VAL D 154 -13.95 -8.30 35.26
N LYS D 155 -13.64 -8.43 33.96
CA LYS D 155 -14.67 -8.63 32.93
C LYS D 155 -15.49 -9.89 33.17
N LEU D 156 -14.83 -10.95 33.65
CA LEU D 156 -15.49 -12.22 33.93
C LEU D 156 -16.31 -12.20 35.22
N GLY D 157 -16.20 -11.13 36.00
CA GLY D 157 -16.93 -11.00 37.27
C GLY D 157 -16.10 -11.33 38.50
N GLY D 158 -14.85 -11.74 38.28
CA GLY D 158 -13.94 -12.04 39.38
C GLY D 158 -13.34 -10.79 39.99
N GLN D 159 -12.82 -10.92 41.20
CA GLN D 159 -12.16 -9.82 41.88
C GLN D 159 -10.73 -10.21 42.24
N PRO D 160 -9.74 -9.81 41.42
CA PRO D 160 -8.37 -10.28 41.62
C PRO D 160 -7.62 -9.49 42.70
N VAL D 161 -6.95 -10.20 43.60
CA VAL D 161 -6.12 -9.57 44.63
C VAL D 161 -4.68 -10.09 44.51
N TYR D 162 -3.76 -9.18 44.23
CA TYR D 162 -2.34 -9.48 44.11
C TYR D 162 -1.77 -9.94 45.46
N ARG D 163 -1.21 -11.14 45.49
CA ARG D 163 -0.60 -11.68 46.71
C ARG D 163 0.77 -11.04 46.89
N GLU D 164 0.83 -9.99 47.72
CA GLU D 164 2.07 -9.23 47.91
C GLU D 164 3.17 -10.06 48.56
N GLN D 165 4.41 -9.68 48.29
CA GLN D 165 5.60 -10.31 48.86
C GLN D 165 5.70 -11.79 48.52
N THR D 166 5.07 -12.21 47.43
CA THR D 166 5.16 -13.58 46.97
C THR D 166 5.72 -13.58 45.56
N ILE D 167 6.86 -14.26 45.40
CA ILE D 167 7.42 -14.56 44.09
C ILE D 167 7.54 -16.07 44.04
N THR D 168 6.91 -16.68 43.05
CA THR D 168 6.90 -18.14 42.93
C THR D 168 8.28 -18.65 42.56
N ASP D 169 8.51 -19.94 42.77
CA ASP D 169 9.83 -20.49 42.42
C ASP D 169 10.14 -20.33 40.96
N ASN D 170 9.14 -20.08 40.10
CA ASN D 170 9.35 -19.83 38.67
C ASN D 170 9.54 -18.35 38.32
N GLY D 171 9.61 -17.48 39.34
CA GLY D 171 9.82 -16.04 39.15
C GLY D 171 8.58 -15.22 38.84
N ASN D 172 7.40 -15.80 39.08
CA ASN D 172 6.14 -15.15 38.75
C ASN D 172 5.38 -14.69 39.98
N VAL D 173 4.28 -13.98 39.76
CA VAL D 173 3.42 -13.50 40.83
C VAL D 173 2.05 -14.19 40.78
N ILE D 174 1.32 -14.11 41.90
CA ILE D 174 0.03 -14.77 42.04
C ILE D 174 -1.09 -13.74 42.18
N LEU D 175 -2.19 -13.97 41.44
CA LEU D 175 -3.46 -13.26 41.66
C LEU D 175 -4.44 -14.24 42.30
N ASP D 176 -4.99 -13.88 43.46
CA ASP D 176 -6.04 -14.67 44.09
C ASP D 176 -7.38 -14.04 43.75
N VAL D 177 -8.25 -14.80 43.10
CA VAL D 177 -9.47 -14.29 42.50
C VAL D 177 -10.71 -14.69 43.29
N TYR D 178 -11.43 -13.68 43.79
CA TYR D 178 -12.66 -13.89 44.55
C TYR D 178 -13.90 -13.78 43.65
N ASN D 179 -15.02 -14.29 44.16
CA ASN D 179 -16.36 -14.09 43.55
C ASN D 179 -16.61 -14.79 42.22
N LEU D 180 -15.79 -15.80 41.90
CA LEU D 180 -15.98 -16.54 40.65
C LEU D 180 -17.08 -17.58 40.80
N LYS D 181 -17.94 -17.67 39.78
CA LYS D 181 -18.95 -18.72 39.68
C LYS D 181 -18.28 -19.83 38.91
N ILE D 182 -17.91 -20.91 39.60
N ILE D 182 -17.97 -20.92 39.59
CA ILE D 182 -17.18 -22.02 39.01
CA ILE D 182 -17.19 -21.98 38.98
C ILE D 182 -18.01 -23.30 39.06
C ILE D 182 -17.98 -23.29 39.03
N ASP D 183 -19.15 -23.25 38.38
CA ASP D 183 -20.06 -24.38 38.28
C ASP D 183 -19.63 -25.29 37.14
N ASN D 184 -18.78 -24.78 36.26
CA ASN D 184 -18.19 -25.57 35.18
C ASN D 184 -16.67 -25.42 35.19
N PRO D 185 -15.99 -26.14 36.11
CA PRO D 185 -14.53 -26.04 36.27
C PRO D 185 -13.76 -26.30 34.99
N LEU D 186 -14.17 -27.33 34.24
CA LEU D 186 -13.54 -27.68 32.97
C LEU D 186 -13.51 -26.49 32.02
N LYS D 187 -14.66 -25.84 31.87
CA LYS D 187 -14.82 -24.74 30.93
C LYS D 187 -13.97 -23.54 31.33
N LEU D 188 -14.01 -23.17 32.61
CA LEU D 188 -13.29 -22.00 33.10
C LEU D 188 -11.77 -22.22 33.12
N GLU D 189 -11.32 -23.43 33.45
CA GLU D 189 -9.89 -23.75 33.41
C GLU D 189 -9.36 -23.56 31.99
N THR D 190 -10.13 -24.01 31.01
CA THR D 190 -9.79 -23.86 29.59
C THR D 190 -9.74 -22.39 29.21
N GLU D 191 -10.79 -21.67 29.59
CA GLU D 191 -10.88 -20.23 29.39
C GLU D 191 -9.71 -19.43 29.97
N LEU D 192 -9.35 -19.70 31.22
CA LEU D 192 -8.26 -18.97 31.88
C LEU D 192 -6.91 -19.26 31.24
N ASN D 193 -6.73 -20.49 30.75
CA ASN D 193 -5.51 -20.86 30.01
C ASN D 193 -5.29 -20.04 28.73
N GLN D 194 -6.37 -19.50 28.17
CA GLN D 194 -6.28 -18.70 26.93
C GLN D 194 -5.95 -17.23 27.16
N ILE D 195 -5.96 -16.79 28.41
CA ILE D 195 -5.66 -15.39 28.74
C ILE D 195 -4.14 -15.20 28.69
N THR D 196 -3.71 -14.29 27.83
CA THR D 196 -2.29 -14.03 27.62
C THR D 196 -1.62 -13.57 28.90
N GLY D 197 -0.46 -14.16 29.19
CA GLY D 197 0.29 -13.86 30.41
C GLY D 197 0.00 -14.79 31.60
N VAL D 198 -1.05 -15.61 31.52
CA VAL D 198 -1.33 -16.58 32.57
C VAL D 198 -0.42 -17.79 32.38
N VAL D 199 0.32 -18.14 33.43
CA VAL D 199 1.19 -19.31 33.39
C VAL D 199 0.37 -20.55 33.72
N THR D 200 -0.23 -20.55 34.90
CA THR D 200 -1.09 -21.63 35.36
C THR D 200 -2.23 -21.03 36.18
N ASN D 201 -3.41 -21.65 36.10
CA ASN D 201 -4.49 -21.34 37.03
C ASN D 201 -4.70 -22.50 38.01
N GLY D 202 -5.31 -22.20 39.16
CA GLY D 202 -5.45 -23.17 40.24
C GLY D 202 -6.54 -24.21 40.11
N ILE D 203 -7.26 -24.26 38.99
CA ILE D 203 -8.29 -25.29 38.79
C ILE D 203 -7.64 -26.56 38.23
N PHE D 204 -7.81 -27.67 38.95
CA PHE D 204 -7.35 -28.97 38.52
C PHE D 204 -8.57 -29.81 38.12
N ALA D 205 -9.02 -29.67 36.88
CA ALA D 205 -10.23 -30.35 36.41
C ALA D 205 -10.07 -31.10 35.10
N LEU D 206 -9.41 -30.49 34.11
CA LEU D 206 -9.14 -31.16 32.84
C LEU D 206 -8.43 -32.48 33.08
N LYS D 207 -7.49 -32.47 34.02
CA LYS D 207 -6.91 -33.68 34.55
C LYS D 207 -7.17 -33.70 36.06
N PRO D 208 -8.31 -34.28 36.47
CA PRO D 208 -8.69 -34.27 37.88
C PRO D 208 -7.93 -35.32 38.67
N ALA D 209 -8.21 -35.38 39.97
CA ALA D 209 -7.65 -36.43 40.81
C ALA D 209 -8.27 -37.77 40.43
N ASP D 210 -7.45 -38.81 40.38
CA ASP D 210 -7.94 -40.16 40.10
C ASP D 210 -8.61 -40.75 41.35
N THR D 211 -8.00 -40.51 42.50
CA THR D 211 -8.55 -40.90 43.79
C THR D 211 -8.44 -39.72 44.78
N VAL D 212 -9.47 -39.53 45.59
CA VAL D 212 -9.44 -38.54 46.66
C VAL D 212 -9.69 -39.26 47.99
N ILE D 213 -8.71 -39.19 48.89
CA ILE D 213 -8.83 -39.75 50.21
C ILE D 213 -9.20 -38.63 51.18
N MET D 214 -10.38 -38.74 51.78
CA MET D 214 -10.90 -37.71 52.67
C MET D 214 -11.10 -38.29 54.08
N ALA D 215 -10.50 -37.64 55.07
CA ALA D 215 -10.71 -37.98 56.46
C ALA D 215 -11.91 -37.20 57.00
N THR D 216 -12.89 -37.92 57.55
CA THR D 216 -14.12 -37.30 58.06
C THR D 216 -13.92 -36.77 59.47
N LYS D 217 -14.89 -36.02 59.97
CA LYS D 217 -14.85 -35.49 61.33
C LYS D 217 -14.82 -36.59 62.40
N ASP D 218 -15.37 -37.76 62.06
CA ASP D 218 -15.39 -38.91 62.97
C ASP D 218 -14.17 -39.82 62.82
N SER D 219 -13.14 -39.33 62.11
CA SER D 219 -11.88 -40.05 61.91
C SER D 219 -12.05 -41.34 61.10
N ASN D 220 -13.02 -41.36 60.16
CA ASN D 220 -13.13 -42.43 59.16
C ASN D 220 -12.51 -41.98 57.85
N ILE D 221 -12.28 -42.95 56.97
CA ILE D 221 -11.75 -42.69 55.63
C ILE D 221 -12.87 -42.84 54.62
N VAL D 222 -13.04 -41.82 53.79
CA VAL D 222 -13.93 -41.88 52.64
C VAL D 222 -13.07 -41.82 51.38
N VAL D 223 -13.18 -42.85 50.55
CA VAL D 223 -12.50 -42.89 49.25
C VAL D 223 -13.48 -42.46 48.17
N LEU D 224 -13.26 -41.27 47.61
CA LEU D 224 -14.15 -40.74 46.57
C LEU D 224 -13.62 -41.07 45.18
#